data_6LPU
#
_entry.id   6LPU
#
_cell.length_a   71.709
_cell.length_b   94.530
_cell.length_c   72.789
_cell.angle_alpha   90.000
_cell.angle_beta   112.250
_cell.angle_gamma   90.000
#
_symmetry.space_group_name_H-M   'P 1 21 1'
#
loop_
_entity.id
_entity.type
_entity.pdbx_description
1 polymer 'D-2-hydroxyglutarate dehydrogenase, mitochondrial'
2 non-polymer 'FLAVIN-ADENINE DINUCLEOTIDE'
3 non-polymer 'ZINC ION'
4 non-polymer '(2S)-2-HYDROXYPENTANEDIOIC ACID'
#
_entity_poly.entity_id   1
_entity_poly.type   'polypeptide(L)'
_entity_poly.pdbx_seq_one_letter_code
;GPGSRYPVRRLPFSTVSKQDLAAFERIVPGGVVTDPEALQAPNVDWLRTLRGCSKVLLRPRTSEEVSHILRHCHERNLAV
NPQGGNTGMVGGSVPVFDEIILSTARMNRVLSFHSVSGILVCQAGCVLEELSRYVEERDFIMPLDLGAKGSCHIGGNVAT
NAGGLRFLRYGSLHGTVLGLEVVLADGTVLDCLTSLRKDNTGYDLKQLFIGSEGTLGIITTVSILCPPKPRAVNVAFLGC
PGFAEVLQTFSTCKGMLGEILSAFEFMDAVCMQLVGRHLHLASPVQESPFYVLIETSGSNAGHDAEKLGHFLEHALGSGL
VTDGTMATDQRKVKMLWALRERITEALSRDGYVYKYDLSLPVERLYDIVTDLRARLGPHAKHVVGYGHLGDGNLHLNVTA
EAFSPSLLAALEPHVYEWTAGQQGSVSAEHGVGFRKRDVLGYSKPPGALQLMQQLKALLDPKGILNPYKTLPSQAHHHHH
H
;
_entity_poly.pdbx_strand_id   A,B
#
loop_
_chem_comp.id
_chem_comp.type
_chem_comp.name
_chem_comp.formula
FAD non-polymer 'FLAVIN-ADENINE DINUCLEOTIDE' 'C27 H33 N9 O15 P2'
S2G non-polymer '(2S)-2-HYDROXYPENTANEDIOIC ACID' 'C5 H8 O5'
ZN non-polymer 'ZINC ION' 'Zn 2'
#
# COMPACT_ATOMS: atom_id res chain seq x y z
N VAL A 8 -4.74 31.71 -8.99
CA VAL A 8 -4.27 33.09 -9.04
C VAL A 8 -5.44 34.05 -8.78
N ARG A 9 -6.63 33.69 -9.26
CA ARG A 9 -7.83 34.48 -9.02
C ARG A 9 -8.81 33.71 -8.15
N ARG A 10 -9.52 34.45 -7.30
CA ARG A 10 -10.47 33.87 -6.37
C ARG A 10 -11.71 33.33 -7.08
N LEU A 11 -12.03 32.06 -6.80
CA LEU A 11 -13.24 31.44 -7.32
C LEU A 11 -14.47 31.99 -6.59
N PRO A 12 -15.66 31.89 -7.20
CA PRO A 12 -16.86 32.57 -6.64
C PRO A 12 -17.47 31.84 -5.45
N PHE A 13 -16.68 31.70 -4.38
CA PHE A 13 -17.20 31.16 -3.14
C PHE A 13 -17.94 32.24 -2.37
N SER A 14 -18.81 31.82 -1.46
CA SER A 14 -19.44 32.79 -0.58
C SER A 14 -18.41 33.33 0.42
N THR A 15 -18.78 34.43 1.07
CA THR A 15 -17.98 35.03 2.12
C THR A 15 -18.62 34.74 3.47
N VAL A 16 -17.78 34.64 4.50
CA VAL A 16 -18.27 34.33 5.85
C VAL A 16 -19.03 35.53 6.40
N SER A 17 -20.32 35.34 6.68
CA SER A 17 -21.16 36.36 7.27
C SER A 17 -21.17 36.25 8.80
N LYS A 18 -21.85 37.20 9.44
CA LYS A 18 -22.07 37.13 10.89
C LYS A 18 -22.92 35.94 11.28
N GLN A 19 -23.92 35.60 10.46
CA GLN A 19 -24.76 34.43 10.73
C GLN A 19 -23.97 33.12 10.65
N ASP A 20 -22.95 33.07 9.80
CA ASP A 20 -22.09 31.89 9.74
C ASP A 20 -21.27 31.70 11.01
N LEU A 21 -20.69 32.78 11.53
CA LEU A 21 -19.92 32.67 12.77
C LEU A 21 -20.82 32.22 13.93
N ALA A 22 -22.04 32.72 13.99
CA ALA A 22 -22.99 32.26 15.00
C ALA A 22 -23.32 30.78 14.80
N ALA A 23 -23.50 30.36 13.55
CA ALA A 23 -23.77 28.96 13.24
C ALA A 23 -22.59 28.07 13.61
N PHE A 24 -21.36 28.50 13.31
CA PHE A 24 -20.19 27.71 13.69
C PHE A 24 -20.00 27.66 15.20
N GLU A 25 -20.36 28.73 15.91
CA GLU A 25 -20.32 28.70 17.38
C GLU A 25 -21.31 27.69 17.95
N ARG A 26 -22.47 27.52 17.31
CA ARG A 26 -23.38 26.47 17.73
C ARG A 26 -22.80 25.09 17.46
N ILE A 27 -22.11 24.92 16.33
CA ILE A 27 -21.55 23.61 15.98
C ILE A 27 -20.31 23.31 16.81
N VAL A 28 -19.39 24.28 16.90
CA VAL A 28 -18.16 24.10 17.68
C VAL A 28 -18.05 25.17 18.76
N PRO A 29 -18.73 24.99 19.89
CA PRO A 29 -18.64 25.96 20.98
C PRO A 29 -17.21 26.10 21.49
N GLY A 30 -16.71 27.34 21.49
CA GLY A 30 -15.35 27.60 21.86
C GLY A 30 -14.30 27.23 20.84
N GLY A 31 -14.71 26.90 19.62
CA GLY A 31 -13.78 26.52 18.57
C GLY A 31 -13.75 27.50 17.42
N VAL A 32 -14.18 28.75 17.66
CA VAL A 32 -14.23 29.78 16.64
C VAL A 32 -13.23 30.87 17.03
N VAL A 33 -12.09 30.90 16.35
CA VAL A 33 -11.03 31.89 16.56
C VAL A 33 -11.15 32.96 15.47
N THR A 34 -11.41 34.21 15.86
CA THR A 34 -11.45 35.28 14.88
C THR A 34 -10.45 36.42 15.10
N ASP A 35 -9.56 36.32 16.08
CA ASP A 35 -8.60 37.40 16.31
C ASP A 35 -7.58 37.43 15.18
N PRO A 36 -7.47 38.50 14.40
CA PRO A 36 -6.58 38.46 13.22
C PRO A 36 -5.11 38.22 13.54
N GLU A 37 -4.59 38.72 14.67
CA GLU A 37 -3.20 38.40 15.02
C GLU A 37 -3.03 36.93 15.34
N ALA A 38 -3.99 36.32 16.04
CA ALA A 38 -3.90 34.89 16.28
C ALA A 38 -4.12 34.10 15.01
N LEU A 39 -4.80 34.68 14.03
CA LEU A 39 -5.04 34.05 12.76
C LEU A 39 -3.83 34.15 11.83
N GLN A 40 -2.82 34.93 12.20
CA GLN A 40 -1.68 35.16 11.33
C GLN A 40 -0.80 33.92 11.19
N ALA A 41 -0.49 33.26 12.31
CA ALA A 41 0.35 32.06 12.26
C ALA A 41 -0.27 30.94 11.43
N PRO A 42 -1.54 30.57 11.59
CA PRO A 42 -2.10 29.53 10.72
C PRO A 42 -2.24 29.97 9.26
N ASN A 43 -2.18 31.29 8.99
CA ASN A 43 -2.20 31.79 7.63
C ASN A 43 -0.86 31.67 6.92
N VAL A 44 0.25 31.49 7.63
CA VAL A 44 1.56 31.45 7.01
C VAL A 44 2.03 30.01 6.95
N ASP A 45 2.47 29.58 5.77
CA ASP A 45 2.95 28.21 5.60
C ASP A 45 4.29 28.03 6.30
N TRP A 46 4.75 26.79 6.39
CA TRP A 46 5.99 26.53 7.11
C TRP A 46 7.16 27.21 6.43
N LEU A 47 7.16 27.23 5.09
CA LEU A 47 8.21 27.89 4.34
C LEU A 47 8.09 29.41 4.37
N ARG A 48 6.97 29.94 4.84
CA ARG A 48 6.79 31.38 5.02
C ARG A 48 6.74 32.12 3.69
N THR A 49 6.35 31.40 2.62
CA THR A 49 6.24 32.00 1.30
C THR A 49 4.81 32.07 0.78
N LEU A 50 3.83 31.52 1.50
CA LEU A 50 2.43 31.65 1.14
C LEU A 50 1.67 32.17 2.36
N ARG A 51 0.81 33.16 2.16
CA ARG A 51 0.06 33.77 3.25
C ARG A 51 -1.39 33.97 2.83
N GLY A 52 -2.32 33.38 3.57
CA GLY A 52 -3.73 33.58 3.34
C GLY A 52 -4.25 34.83 4.03
N CYS A 53 -5.54 35.11 3.78
CA CYS A 53 -6.24 36.25 4.36
C CYS A 53 -7.52 35.76 5.03
N SER A 54 -7.48 34.56 5.59
CA SER A 54 -8.62 33.99 6.30
C SER A 54 -8.91 34.73 7.59
N LYS A 55 -10.20 34.94 7.86
CA LYS A 55 -10.67 35.61 9.06
C LYS A 55 -11.36 34.65 10.02
N VAL A 56 -11.41 33.36 9.68
CA VAL A 56 -12.11 32.37 10.52
C VAL A 56 -11.24 31.12 10.62
N LEU A 57 -10.80 30.79 11.83
CA LEU A 57 -10.15 29.52 12.12
C LEU A 57 -11.08 28.71 13.01
N LEU A 58 -11.37 27.49 12.59
CA LEU A 58 -12.21 26.58 13.35
C LEU A 58 -11.40 25.41 13.87
N ARG A 59 -11.58 25.07 15.16
CA ARG A 59 -10.82 24.03 15.84
C ARG A 59 -11.82 23.02 16.40
N PRO A 60 -12.36 22.16 15.54
CA PRO A 60 -13.30 21.13 16.00
C PRO A 60 -12.67 20.05 16.85
N ARG A 61 -13.50 19.47 17.71
CA ARG A 61 -13.13 18.36 18.59
C ARG A 61 -13.55 16.99 18.06
N THR A 62 -14.70 16.88 17.42
CA THR A 62 -15.21 15.56 17.07
C THR A 62 -15.46 15.46 15.57
N SER A 63 -15.63 14.22 15.13
CA SER A 63 -15.96 13.95 13.75
C SER A 63 -17.33 14.52 13.39
N GLU A 64 -18.28 14.46 14.33
CA GLU A 64 -19.59 15.03 14.11
C GLU A 64 -19.52 16.54 13.93
N GLU A 65 -18.65 17.21 14.70
CA GLU A 65 -18.47 18.65 14.49
C GLU A 65 -17.92 18.95 13.10
N VAL A 66 -17.04 18.09 12.58
CA VAL A 66 -16.56 18.28 11.22
C VAL A 66 -17.67 18.05 10.20
N SER A 67 -18.46 16.99 10.38
CA SER A 67 -19.57 16.72 9.47
C SER A 67 -20.56 17.88 9.44
N HIS A 68 -20.96 18.38 10.60
CA HIS A 68 -21.90 19.49 10.69
C HIS A 68 -21.33 20.80 10.17
N ILE A 69 -20.02 21.05 10.34
CA ILE A 69 -19.42 22.25 9.76
C ILE A 69 -19.50 22.22 8.25
N LEU A 70 -19.15 21.07 7.67
CA LEU A 70 -19.13 20.91 6.22
C LEU A 70 -20.52 20.84 5.60
N ARG A 71 -21.52 20.28 6.28
CA ARG A 71 -22.88 20.35 5.74
C ARG A 71 -23.26 21.82 5.56
N HIS A 72 -23.00 22.64 6.59
CA HIS A 72 -23.26 24.08 6.53
C HIS A 72 -22.44 24.74 5.44
N CYS A 73 -21.14 24.42 5.37
CA CYS A 73 -20.27 24.96 4.33
C CYS A 73 -20.73 24.50 2.95
N HIS A 74 -21.27 23.29 2.84
CA HIS A 74 -21.80 22.82 1.58
C HIS A 74 -23.06 23.58 1.19
N GLU A 75 -23.96 23.79 2.16
CA GLU A 75 -25.13 24.62 1.91
C GLU A 75 -24.74 26.02 1.42
N ARG A 76 -23.81 26.67 2.12
CA ARG A 76 -23.44 28.05 1.81
C ARG A 76 -22.37 28.21 0.73
N ASN A 77 -21.77 27.13 0.25
CA ASN A 77 -20.66 27.21 -0.71
C ASN A 77 -19.51 28.06 -0.15
N LEU A 78 -19.09 27.73 1.08
CA LEU A 78 -17.95 28.38 1.69
C LEU A 78 -16.75 27.46 1.56
N ALA A 79 -15.61 28.02 1.13
CA ALA A 79 -14.40 27.24 0.97
C ALA A 79 -13.78 26.92 2.32
N VAL A 80 -13.22 25.73 2.43
CA VAL A 80 -12.61 25.24 3.66
C VAL A 80 -11.18 24.81 3.35
N ASN A 81 -10.26 25.19 4.22
CA ASN A 81 -8.85 24.84 4.11
C ASN A 81 -8.48 23.93 5.28
N PRO A 82 -8.40 22.61 5.07
CA PRO A 82 -7.96 21.74 6.16
C PRO A 82 -6.51 22.01 6.51
N GLN A 83 -6.21 21.92 7.81
CA GLN A 83 -4.88 22.17 8.32
C GLN A 83 -4.56 21.23 9.47
N GLY A 84 -3.33 20.72 9.47
CA GLY A 84 -2.83 19.91 10.57
C GLY A 84 -1.74 20.64 11.34
N GLY A 85 -0.53 20.10 11.27
CA GLY A 85 0.66 20.67 11.88
C GLY A 85 1.25 21.86 11.15
N ASN A 86 0.76 22.15 9.95
CA ASN A 86 1.25 23.27 9.13
C ASN A 86 2.75 23.16 8.85
N THR A 87 3.21 21.93 8.60
CA THR A 87 4.61 21.67 8.22
C THR A 87 4.78 21.35 6.74
N GLY A 88 3.69 21.33 5.97
CA GLY A 88 3.79 21.07 4.54
C GLY A 88 4.66 22.06 3.79
N MET A 89 5.23 21.56 2.67
CA MET A 89 6.23 22.27 1.87
C MET A 89 5.71 22.76 0.52
N VAL A 90 4.43 22.54 0.21
CA VAL A 90 3.93 22.85 -1.12
C VAL A 90 2.77 23.84 -1.08
N GLY A 91 2.65 24.61 -0.01
CA GLY A 91 1.62 25.64 0.07
C GLY A 91 0.21 25.11 0.09
N GLY A 92 0.04 23.84 0.48
CA GLY A 92 -1.28 23.22 0.51
C GLY A 92 -2.04 23.48 1.79
N SER A 93 -1.34 23.84 2.86
CA SER A 93 -1.89 23.89 4.21
C SER A 93 -2.37 25.27 4.63
N VAL A 94 -2.24 26.27 3.78
CA VAL A 94 -2.69 27.62 4.12
C VAL A 94 -3.66 28.09 3.04
N PRO A 95 -4.61 28.98 3.38
CA PRO A 95 -5.53 29.44 2.35
C PRO A 95 -4.79 30.32 1.36
N VAL A 96 -5.31 30.36 0.14
CA VAL A 96 -4.80 31.29 -0.85
C VAL A 96 -5.46 32.66 -0.67
N PHE A 97 -6.77 32.65 -0.42
CA PHE A 97 -7.53 33.88 -0.20
C PHE A 97 -8.17 33.83 1.19
N ASP A 98 -9.49 33.68 1.26
CA ASP A 98 -10.22 33.80 2.51
C ASP A 98 -10.90 32.49 2.90
N GLU A 99 -10.26 31.35 2.60
CA GLU A 99 -10.84 30.05 2.92
C GLU A 99 -10.88 29.82 4.42
N ILE A 100 -11.92 29.13 4.88
CA ILE A 100 -12.04 28.80 6.30
C ILE A 100 -10.98 27.75 6.64
N ILE A 101 -10.16 28.05 7.64
CA ILE A 101 -9.16 27.10 8.11
C ILE A 101 -9.80 26.15 9.12
N LEU A 102 -9.86 24.86 8.79
CA LEU A 102 -10.35 23.84 9.71
C LEU A 102 -9.17 23.06 10.26
N SER A 103 -8.76 23.39 11.49
CA SER A 103 -7.62 22.77 12.13
C SER A 103 -8.06 21.55 12.91
N THR A 104 -7.26 20.48 12.83
CA THR A 104 -7.48 19.28 13.64
C THR A 104 -6.71 19.31 14.95
N ALA A 105 -6.23 20.48 15.37
CA ALA A 105 -5.39 20.59 16.57
C ALA A 105 -6.04 19.98 17.81
N ARG A 106 -7.36 20.13 17.96
CA ARG A 106 -8.04 19.60 19.15
C ARG A 106 -8.54 18.18 18.97
N MET A 107 -8.39 17.59 17.78
CA MET A 107 -8.82 16.22 17.53
C MET A 107 -7.61 15.31 17.75
N ASN A 108 -7.23 15.21 19.02
CA ASN A 108 -5.93 14.68 19.42
C ASN A 108 -6.07 13.53 20.42
N ARG A 109 -7.13 12.74 20.31
CA ARG A 109 -7.36 11.61 21.21
C ARG A 109 -7.03 10.31 20.51
N VAL A 110 -6.31 9.44 21.22
CA VAL A 110 -6.18 8.05 20.82
C VAL A 110 -7.47 7.31 21.19
N LEU A 111 -8.05 6.60 20.24
CA LEU A 111 -9.29 5.90 20.53
C LEU A 111 -9.04 4.47 20.99
N SER A 112 -8.13 3.75 20.34
CA SER A 112 -7.78 2.42 20.83
C SER A 112 -6.41 1.99 20.34
N PHE A 113 -5.82 1.06 21.07
CA PHE A 113 -4.57 0.41 20.67
C PHE A 113 -4.60 -0.99 21.26
N HIS A 114 -4.66 -1.97 20.36
CA HIS A 114 -4.61 -3.39 20.70
C HIS A 114 -3.17 -3.82 20.82
N SER A 115 -2.76 -4.21 22.04
CA SER A 115 -1.39 -4.53 22.39
C SER A 115 -0.88 -5.82 21.76
N VAL A 116 -1.69 -6.55 21.01
CA VAL A 116 -1.26 -7.79 20.36
C VAL A 116 -1.08 -7.58 18.85
N SER A 117 -2.11 -7.08 18.16
CA SER A 117 -1.97 -6.82 16.73
C SER A 117 -1.14 -5.57 16.45
N GLY A 118 -1.04 -4.67 17.43
CA GLY A 118 -0.33 -3.42 17.25
C GLY A 118 -1.04 -2.43 16.35
N ILE A 119 -2.34 -2.57 16.20
CA ILE A 119 -3.14 -1.65 15.39
C ILE A 119 -3.56 -0.47 16.26
N LEU A 120 -3.26 0.74 15.79
CA LEU A 120 -3.59 1.95 16.52
C LEU A 120 -4.70 2.68 15.77
N VAL A 121 -5.73 3.08 16.50
CA VAL A 121 -6.78 3.95 15.99
C VAL A 121 -6.71 5.24 16.80
N CYS A 122 -6.52 6.35 16.10
CA CYS A 122 -6.39 7.65 16.75
C CYS A 122 -6.99 8.71 15.83
N GLN A 123 -7.34 9.84 16.43
CA GLN A 123 -7.84 10.96 15.66
C GLN A 123 -6.74 11.59 14.80
N ALA A 124 -7.17 12.24 13.73
CA ALA A 124 -6.24 12.76 12.72
C ALA A 124 -5.30 13.83 13.27
N GLY A 125 -5.73 14.59 14.28
CA GLY A 125 -4.91 15.64 14.83
C GLY A 125 -3.88 15.24 15.85
N CYS A 126 -3.75 13.95 16.15
CA CYS A 126 -2.70 13.49 17.04
C CYS A 126 -1.33 13.78 16.44
N VAL A 127 -0.46 14.42 17.21
CA VAL A 127 0.85 14.77 16.69
C VAL A 127 1.72 13.52 16.62
N LEU A 128 2.51 13.43 15.54
CA LEU A 128 3.25 12.21 15.24
C LEU A 128 4.23 11.82 16.34
N GLU A 129 5.00 12.79 16.87
CA GLU A 129 5.94 12.45 17.94
C GLU A 129 5.24 11.99 19.22
N GLU A 130 4.08 12.55 19.53
CA GLU A 130 3.33 12.10 20.69
C GLU A 130 2.79 10.69 20.51
N LEU A 131 2.31 10.38 19.30
CA LEU A 131 1.86 9.02 19.01
C LEU A 131 3.01 8.03 19.06
N SER A 132 4.20 8.42 18.57
CA SER A 132 5.35 7.54 18.68
C SER A 132 5.68 7.24 20.14
N ARG A 133 5.64 8.25 21.02
CA ARG A 133 5.87 7.98 22.44
C ARG A 133 4.82 7.03 23.01
N TYR A 134 3.56 7.23 22.61
CA TYR A 134 2.47 6.40 23.12
C TYR A 134 2.66 4.93 22.74
N VAL A 135 2.87 4.65 21.45
CA VAL A 135 3.01 3.25 21.04
C VAL A 135 4.35 2.70 21.52
N GLU A 136 5.37 3.56 21.66
CA GLU A 136 6.66 3.11 22.19
C GLU A 136 6.57 2.80 23.69
N GLU A 137 5.71 3.49 24.43
CA GLU A 137 5.43 3.06 25.79
C GLU A 137 4.86 1.64 25.83
N ARG A 138 4.26 1.19 24.73
CA ARG A 138 3.74 -0.16 24.62
C ARG A 138 4.58 -1.05 23.72
N ASP A 139 5.86 -0.69 23.52
CA ASP A 139 6.79 -1.48 22.70
C ASP A 139 6.34 -1.63 21.25
N PHE A 140 5.80 -0.56 20.67
CA PHE A 140 5.54 -0.51 19.24
C PHE A 140 6.05 0.81 18.71
N ILE A 141 6.09 0.95 17.38
CA ILE A 141 6.50 2.19 16.74
C ILE A 141 5.55 2.54 15.60
N MET A 142 5.55 3.82 15.23
CA MET A 142 4.82 4.26 14.06
C MET A 142 5.51 3.76 12.80
N PRO A 143 4.75 3.38 11.76
CA PRO A 143 5.38 2.92 10.52
C PRO A 143 6.03 4.04 9.72
N LEU A 144 5.87 5.29 10.14
CA LEU A 144 6.53 6.41 9.51
C LEU A 144 7.11 7.32 10.58
N ASP A 145 8.10 8.13 10.19
CA ASP A 145 8.67 9.16 11.03
C ASP A 145 9.21 10.26 10.12
N LEU A 146 9.00 11.51 10.53
CA LEU A 146 9.40 12.65 9.72
C LEU A 146 10.20 13.62 10.59
N GLY A 147 10.98 14.47 9.92
CA GLY A 147 11.63 15.55 10.64
C GLY A 147 10.66 16.50 11.30
N ALA A 148 9.44 16.60 10.77
CA ALA A 148 8.37 17.41 11.34
C ALA A 148 7.57 16.66 12.40
N LYS A 149 8.09 15.54 12.91
CA LYS A 149 7.34 14.70 13.83
C LYS A 149 6.76 15.47 15.01
N GLY A 150 7.50 16.46 15.53
CA GLY A 150 7.05 17.21 16.69
C GLY A 150 5.85 18.10 16.44
N SER A 151 5.51 18.39 15.17
CA SER A 151 4.36 19.23 14.86
C SER A 151 3.34 18.59 13.91
N CYS A 152 3.77 17.71 13.01
CA CYS A 152 2.89 17.19 11.98
C CYS A 152 1.84 16.24 12.54
N HIS A 153 0.62 16.33 12.01
CA HIS A 153 -0.49 15.50 12.46
C HIS A 153 -0.59 14.25 11.60
N ILE A 154 -1.04 13.15 12.21
CA ILE A 154 -1.20 11.91 11.46
C ILE A 154 -2.20 12.09 10.31
N GLY A 155 -3.23 12.90 10.53
CA GLY A 155 -4.14 13.22 9.44
C GLY A 155 -3.45 13.94 8.29
N GLY A 156 -2.56 14.87 8.62
CA GLY A 156 -1.76 15.51 7.60
C GLY A 156 -0.81 14.55 6.91
N ASN A 157 -0.20 13.65 7.68
CA ASN A 157 0.69 12.64 7.12
C ASN A 157 -0.03 11.75 6.11
N VAL A 158 -1.24 11.30 6.44
CA VAL A 158 -2.02 10.46 5.53
C VAL A 158 -2.49 11.24 4.31
N ALA A 159 -2.97 12.47 4.53
CA ALA A 159 -3.44 13.31 3.43
C ALA A 159 -2.35 13.61 2.41
N THR A 160 -1.08 13.72 2.83
CA THR A 160 0.00 13.97 1.89
C THR A 160 0.72 12.70 1.44
N ASN A 161 0.35 11.54 1.97
CA ASN A 161 1.07 10.29 1.73
C ASN A 161 2.57 10.47 2.02
N ALA A 162 2.86 10.94 3.23
CA ALA A 162 4.23 11.22 3.62
C ALA A 162 5.07 9.95 3.57
N GLY A 163 6.25 10.05 2.95
CA GLY A 163 7.15 8.92 2.88
C GLY A 163 7.98 8.88 4.14
N GLY A 164 9.13 9.52 4.12
CA GLY A 164 9.93 9.73 5.30
C GLY A 164 11.18 8.87 5.37
N LEU A 165 11.73 8.81 6.58
CA LEU A 165 13.06 8.27 6.83
C LEU A 165 13.05 6.77 7.11
N ARG A 166 11.90 6.19 7.45
CA ARG A 166 11.81 4.75 7.65
C ARG A 166 10.89 4.13 6.62
N PHE A 167 10.65 4.87 5.53
CA PHE A 167 9.87 4.38 4.40
C PHE A 167 10.55 3.17 3.77
N LEU A 168 11.89 3.17 3.76
CA LEU A 168 12.66 2.05 3.23
C LEU A 168 12.31 0.74 3.91
N ARG A 169 11.95 0.78 5.20
CA ARG A 169 11.66 -0.43 5.96
C ARG A 169 10.18 -0.79 5.97
N TYR A 170 9.31 0.19 6.29
CA TYR A 170 7.91 -0.08 6.51
C TYR A 170 7.02 0.34 5.35
N GLY A 171 7.56 1.10 4.40
CA GLY A 171 6.86 1.40 3.18
C GLY A 171 5.80 2.49 3.33
N SER A 172 4.94 2.55 2.32
CA SER A 172 3.99 3.63 2.17
C SER A 172 2.85 3.52 3.17
N LEU A 173 2.20 4.67 3.40
CA LEU A 173 0.96 4.67 4.16
C LEU A 173 -0.15 3.93 3.41
N HIS A 174 -0.05 3.86 2.08
CA HIS A 174 -0.97 3.04 1.30
C HIS A 174 -0.94 1.58 1.73
N GLY A 175 0.16 1.12 2.33
CA GLY A 175 0.20 -0.22 2.89
C GLY A 175 -0.03 -0.30 4.39
N THR A 176 0.44 0.71 5.14
CA THR A 176 0.37 0.66 6.58
C THR A 176 -0.94 1.21 7.14
N VAL A 177 -1.59 2.12 6.43
CA VAL A 177 -2.91 2.57 6.86
C VAL A 177 -3.91 1.46 6.60
N LEU A 178 -4.64 1.07 7.64
CA LEU A 178 -5.64 0.02 7.51
C LEU A 178 -7.04 0.54 7.28
N GLY A 179 -7.36 1.72 7.83
CA GLY A 179 -8.68 2.28 7.65
C GLY A 179 -8.68 3.76 7.96
N LEU A 180 -9.64 4.46 7.38
CA LEU A 180 -9.81 5.89 7.60
C LEU A 180 -11.28 6.21 7.76
N GLU A 181 -11.59 7.14 8.64
CA GLU A 181 -12.89 7.79 8.66
C GLU A 181 -12.67 9.18 8.07
N VAL A 182 -13.41 9.49 7.01
CA VAL A 182 -13.28 10.75 6.28
C VAL A 182 -14.64 11.44 6.18
N VAL A 183 -14.63 12.76 6.38
CA VAL A 183 -15.83 13.58 6.20
C VAL A 183 -15.72 14.24 4.84
N LEU A 184 -16.69 13.96 3.98
CA LEU A 184 -16.72 14.44 2.60
C LEU A 184 -17.22 15.89 2.54
N ALA A 185 -17.08 16.47 1.34
CA ALA A 185 -17.35 17.89 1.14
C ALA A 185 -18.76 18.28 1.57
N ASP A 186 -19.74 17.41 1.37
CA ASP A 186 -21.11 17.71 1.77
C ASP A 186 -21.41 17.36 3.22
N GLY A 187 -20.38 16.98 3.99
CA GLY A 187 -20.58 16.57 5.37
C GLY A 187 -20.74 15.08 5.58
N THR A 188 -20.86 14.30 4.50
CA THR A 188 -21.05 12.86 4.62
C THR A 188 -19.82 12.21 5.25
N VAL A 189 -20.05 11.46 6.32
CA VAL A 189 -19.00 10.73 7.02
C VAL A 189 -18.83 9.37 6.32
N LEU A 190 -17.68 9.18 5.70
CA LEU A 190 -17.35 7.91 5.06
C LEU A 190 -16.59 7.04 6.06
N ASP A 191 -17.20 5.93 6.45
CA ASP A 191 -16.60 5.00 7.42
C ASP A 191 -15.87 3.89 6.68
N CYS A 192 -14.56 4.06 6.53
CA CYS A 192 -13.67 3.00 6.10
C CYS A 192 -12.73 2.58 7.24
N LEU A 193 -13.16 2.80 8.49
CA LEU A 193 -12.33 2.62 9.67
C LEU A 193 -12.35 1.16 10.13
N THR A 194 -11.80 0.30 9.27
CA THR A 194 -11.64 -1.11 9.57
C THR A 194 -10.27 -1.33 10.19
N SER A 195 -10.20 -2.20 11.19
CA SER A 195 -8.95 -2.48 11.88
C SER A 195 -8.49 -3.90 11.59
N LEU A 196 -8.63 -4.31 10.33
CA LEU A 196 -8.23 -5.62 9.85
C LEU A 196 -6.99 -5.50 8.97
N ARG A 197 -6.09 -6.47 9.11
CA ARG A 197 -4.91 -6.53 8.26
C ARG A 197 -5.27 -6.78 6.79
N LYS A 198 -6.28 -7.61 6.55
CA LYS A 198 -6.71 -7.99 5.21
C LYS A 198 -8.22 -7.88 5.12
N ASP A 199 -8.71 -7.19 4.09
CA ASP A 199 -10.14 -6.97 3.91
C ASP A 199 -10.38 -6.55 2.46
N ASN A 200 -10.80 -7.51 1.64
CA ASN A 200 -11.12 -7.31 0.24
C ASN A 200 -12.63 -7.39 0.03
N THR A 201 -13.38 -6.50 0.67
CA THR A 201 -14.83 -6.42 0.51
C THR A 201 -15.16 -5.15 -0.27
N GLY A 202 -14.78 -5.14 -1.54
CA GLY A 202 -15.07 -4.03 -2.41
C GLY A 202 -13.84 -3.19 -2.66
N TYR A 203 -14.08 -1.99 -3.17
CA TYR A 203 -12.99 -1.11 -3.52
C TYR A 203 -12.33 -0.59 -2.25
N ASP A 204 -11.01 -0.36 -2.33
CA ASP A 204 -10.24 0.12 -1.19
C ASP A 204 -10.35 1.65 -1.19
N LEU A 205 -11.51 2.12 -0.73
CA LEU A 205 -11.86 3.53 -0.81
C LEU A 205 -10.89 4.42 -0.05
N LYS A 206 -10.32 3.93 1.06
CA LYS A 206 -9.40 4.74 1.84
C LYS A 206 -8.19 5.18 1.01
N GLN A 207 -7.79 4.36 0.04
CA GLN A 207 -6.64 4.68 -0.81
C GLN A 207 -6.84 5.98 -1.58
N LEU A 208 -8.08 6.32 -1.93
CA LEU A 208 -8.34 7.59 -2.60
C LEU A 208 -7.89 8.76 -1.76
N PHE A 209 -8.07 8.69 -0.46
CA PHE A 209 -7.76 9.79 0.44
C PHE A 209 -6.31 9.81 0.90
N ILE A 210 -5.56 8.73 0.70
CA ILE A 210 -4.14 8.72 1.04
C ILE A 210 -3.41 9.44 -0.08
N GLY A 211 -2.96 10.66 0.19
CA GLY A 211 -2.37 11.51 -0.81
C GLY A 211 -3.33 12.45 -1.50
N SER A 212 -4.57 12.54 -1.03
CA SER A 212 -5.54 13.45 -1.64
C SER A 212 -5.36 14.88 -1.15
N GLU A 213 -4.60 15.10 -0.08
CA GLU A 213 -4.20 16.42 0.37
C GLU A 213 -5.41 17.31 0.69
N GLY A 214 -6.45 16.70 1.24
CA GLY A 214 -7.64 17.44 1.64
C GLY A 214 -8.51 17.95 0.54
N THR A 215 -8.37 17.44 -0.69
CA THR A 215 -9.22 17.90 -1.79
C THR A 215 -10.42 17.01 -2.01
N LEU A 216 -10.40 15.78 -1.50
CA LEU A 216 -11.52 14.86 -1.63
C LEU A 216 -12.25 14.64 -0.31
N GLY A 217 -11.74 15.14 0.79
CA GLY A 217 -12.31 14.94 2.10
C GLY A 217 -11.33 15.29 3.18
N ILE A 218 -11.86 15.42 4.39
CA ILE A 218 -11.05 15.69 5.58
C ILE A 218 -10.96 14.42 6.40
N ILE A 219 -9.74 13.90 6.56
CA ILE A 219 -9.51 12.71 7.37
C ILE A 219 -9.64 13.10 8.83
N THR A 220 -10.52 12.40 9.56
CA THR A 220 -10.77 12.67 10.96
C THR A 220 -10.31 11.57 11.91
N THR A 221 -10.32 10.32 11.47
CA THR A 221 -9.82 9.21 12.27
C THR A 221 -8.96 8.32 11.38
N VAL A 222 -7.87 7.81 11.94
CA VAL A 222 -6.94 6.96 11.22
C VAL A 222 -6.76 5.65 11.96
N SER A 223 -6.75 4.55 11.21
CA SER A 223 -6.36 3.24 11.71
C SER A 223 -5.10 2.85 10.97
N ILE A 224 -4.06 2.51 11.72
CA ILE A 224 -2.73 2.33 11.15
C ILE A 224 -2.03 1.17 11.84
N LEU A 225 -1.33 0.37 11.06
CA LEU A 225 -0.59 -0.76 11.60
C LEU A 225 0.75 -0.27 12.13
N CYS A 226 0.96 -0.41 13.44
CA CYS A 226 2.22 -0.01 14.04
C CYS A 226 3.14 -1.21 14.11
N PRO A 227 4.33 -1.16 13.50
CA PRO A 227 5.27 -2.26 13.64
C PRO A 227 5.79 -2.37 15.06
N PRO A 228 6.31 -3.53 15.44
CA PRO A 228 6.88 -3.68 16.78
C PRO A 228 8.12 -2.81 16.97
N LYS A 229 8.31 -2.34 18.19
CA LYS A 229 9.46 -1.51 18.48
C LYS A 229 10.70 -2.40 18.45
N PRO A 230 11.72 -2.08 17.66
CA PRO A 230 12.90 -2.95 17.61
C PRO A 230 13.64 -2.97 18.94
N ARG A 231 14.19 -4.14 19.25
CA ARG A 231 15.01 -4.30 20.46
C ARG A 231 16.35 -3.59 20.33
N ALA A 232 16.88 -3.51 19.11
CA ALA A 232 18.20 -2.91 18.88
C ALA A 232 18.13 -2.01 17.66
N VAL A 233 18.45 -0.74 17.87
CA VAL A 233 18.60 0.23 16.79
C VAL A 233 20.06 0.65 16.78
N ASN A 234 20.71 0.50 15.64
CA ASN A 234 22.08 0.95 15.42
C ASN A 234 22.06 1.99 14.31
N VAL A 235 22.92 3.00 14.43
CA VAL A 235 23.08 4.00 13.40
C VAL A 235 24.56 4.11 13.05
N ALA A 236 24.88 3.91 11.77
CA ALA A 236 26.22 4.14 11.25
C ALA A 236 26.20 5.45 10.48
N PHE A 237 27.03 6.40 10.90
CA PHE A 237 27.21 7.66 10.19
C PHE A 237 28.59 7.69 9.51
N LEU A 238 28.60 7.58 8.18
CA LEU A 238 29.83 7.42 7.42
C LEU A 238 30.06 8.60 6.50
N GLY A 239 31.33 8.84 6.19
CA GLY A 239 31.75 9.86 5.24
C GLY A 239 32.29 9.19 3.99
N CYS A 240 31.76 9.60 2.84
CA CYS A 240 32.16 9.00 1.58
C CYS A 240 32.91 9.99 0.70
N PRO A 241 33.95 9.53 -0.01
CA PRO A 241 34.76 10.45 -0.82
C PRO A 241 34.13 10.83 -2.15
N GLY A 242 33.00 10.22 -2.51
CA GLY A 242 32.29 10.62 -3.72
C GLY A 242 30.94 9.93 -3.76
N PHE A 243 30.11 10.38 -4.70
CA PHE A 243 28.78 9.78 -4.84
C PHE A 243 28.84 8.37 -5.40
N ALA A 244 29.84 8.08 -6.24
CA ALA A 244 30.07 6.72 -6.69
C ALA A 244 30.30 5.78 -5.52
N GLU A 245 31.05 6.24 -4.52
CA GLU A 245 31.30 5.46 -3.32
C GLU A 245 30.05 5.34 -2.46
N VAL A 246 29.22 6.39 -2.44
CA VAL A 246 27.92 6.34 -1.77
C VAL A 246 27.05 5.22 -2.34
N LEU A 247 27.01 5.11 -3.67
CA LEU A 247 26.19 4.09 -4.31
C LEU A 247 26.68 2.68 -4.00
N GLN A 248 27.99 2.46 -3.99
CA GLN A 248 28.50 1.14 -3.63
C GLN A 248 28.36 0.86 -2.14
N THR A 249 28.43 1.89 -1.31
CA THR A 249 28.11 1.70 0.11
C THR A 249 26.67 1.25 0.29
N PHE A 250 25.74 1.84 -0.47
CA PHE A 250 24.35 1.40 -0.46
C PHE A 250 24.17 -0.04 -0.97
N SER A 251 24.82 -0.39 -2.07
CA SER A 251 24.65 -1.74 -2.63
C SER A 251 25.19 -2.83 -1.72
N THR A 252 26.39 -2.66 -1.19
CA THR A 252 26.92 -3.61 -0.21
C THR A 252 26.08 -3.65 1.05
N CYS A 253 25.56 -2.49 1.47
CA CYS A 253 24.68 -2.42 2.64
C CYS A 253 23.50 -3.37 2.51
N LYS A 254 22.81 -3.33 1.38
CA LYS A 254 21.66 -4.22 1.18
C LYS A 254 22.08 -5.67 1.19
N GLY A 255 23.24 -5.97 0.59
CA GLY A 255 23.75 -7.33 0.57
C GLY A 255 24.26 -7.81 1.90
N MET A 256 24.84 -6.92 2.71
CA MET A 256 25.48 -7.33 3.95
C MET A 256 24.61 -7.13 5.18
N LEU A 257 23.75 -6.12 5.20
CA LEU A 257 22.80 -5.91 6.30
C LEU A 257 21.43 -6.50 6.00
N GLY A 258 20.93 -6.28 4.80
CA GLY A 258 19.70 -6.93 4.35
C GLY A 258 18.46 -6.50 5.10
N GLU A 259 17.74 -7.48 5.66
CA GLU A 259 16.43 -7.25 6.27
C GLU A 259 16.47 -6.37 7.52
N ILE A 260 17.62 -6.24 8.19
CA ILE A 260 17.68 -5.34 9.35
C ILE A 260 17.78 -3.87 8.96
N LEU A 261 18.16 -3.56 7.72
CA LEU A 261 18.27 -2.18 7.27
C LEU A 261 16.95 -1.43 7.41
N SER A 262 16.97 -0.34 8.16
CA SER A 262 15.78 0.47 8.38
C SER A 262 15.88 1.89 7.84
N ALA A 263 17.07 2.38 7.52
CA ALA A 263 17.20 3.69 6.87
C ALA A 263 18.52 3.74 6.12
N PHE A 264 18.51 4.46 5.00
CA PHE A 264 19.73 4.78 4.25
C PHE A 264 19.54 6.19 3.69
N GLU A 265 20.15 7.16 4.35
CA GLU A 265 20.08 8.55 3.94
C GLU A 265 21.45 9.00 3.46
N PHE A 266 21.46 10.02 2.61
CA PHE A 266 22.73 10.61 2.22
C PHE A 266 22.59 12.12 2.27
N MET A 267 23.74 12.79 2.36
CA MET A 267 23.83 14.23 2.31
C MET A 267 25.20 14.60 1.77
N ASP A 268 25.30 15.80 1.19
CA ASP A 268 26.59 16.25 0.67
C ASP A 268 27.33 17.11 1.69
N ALA A 269 28.55 17.52 1.31
CA ALA A 269 29.40 18.31 2.19
C ALA A 269 28.76 19.65 2.52
N VAL A 270 28.13 20.29 1.53
CA VAL A 270 27.55 21.60 1.75
C VAL A 270 26.42 21.52 2.78
N CYS A 271 25.64 20.43 2.75
CA CYS A 271 24.61 20.22 3.76
C CYS A 271 25.20 20.21 5.18
N MET A 272 26.30 19.48 5.36
CA MET A 272 26.96 19.45 6.67
C MET A 272 27.43 20.84 7.11
N GLN A 273 27.94 21.65 6.18
CA GLN A 273 28.36 23.00 6.53
C GLN A 273 27.20 23.89 6.98
N LEU A 274 26.03 23.79 6.34
CA LEU A 274 24.91 24.65 6.75
C LEU A 274 24.33 24.23 8.10
N VAL A 275 24.21 22.93 8.37
CA VAL A 275 23.72 22.53 9.69
C VAL A 275 24.71 22.89 10.78
N GLY A 276 26.01 22.83 10.50
CA GLY A 276 26.99 23.30 11.47
C GLY A 276 26.94 24.81 11.66
N ARG A 277 26.79 25.56 10.58
CA ARG A 277 26.74 27.02 10.66
C ARG A 277 25.46 27.51 11.33
N HIS A 278 24.30 27.15 10.77
CA HIS A 278 23.03 27.72 11.22
C HIS A 278 22.45 27.03 12.46
N LEU A 279 22.67 25.73 12.61
CA LEU A 279 22.12 24.99 13.74
C LEU A 279 23.16 24.67 14.81
N HIS A 280 24.44 24.94 14.53
CA HIS A 280 25.54 24.77 15.49
C HIS A 280 25.66 23.32 15.95
N LEU A 281 25.48 22.40 15.01
CA LEU A 281 25.68 20.98 15.27
C LEU A 281 26.99 20.54 14.64
N ALA A 282 27.90 20.02 15.47
CA ALA A 282 29.21 19.62 14.98
C ALA A 282 29.14 18.27 14.28
N SER A 283 29.99 18.11 13.26
CA SER A 283 30.12 16.82 12.59
C SER A 283 30.94 15.85 13.45
N PRO A 284 30.57 14.57 13.48
CA PRO A 284 31.31 13.58 14.27
C PRO A 284 32.39 12.83 13.51
N VAL A 285 32.55 13.07 12.21
CA VAL A 285 33.55 12.38 11.39
C VAL A 285 34.35 13.41 10.61
N GLN A 286 35.39 12.92 9.92
CA GLN A 286 36.23 13.79 9.12
C GLN A 286 35.42 14.43 7.99
N GLU A 287 35.91 15.57 7.52
CA GLU A 287 35.27 16.30 6.43
C GLU A 287 35.30 15.47 5.16
N SER A 288 34.13 15.17 4.61
CA SER A 288 33.99 14.39 3.40
C SER A 288 33.04 15.09 2.46
N PRO A 289 33.17 14.85 1.14
CA PRO A 289 32.19 15.42 0.20
C PRO A 289 30.78 14.86 0.35
N PHE A 290 30.63 13.62 0.80
CA PHE A 290 29.31 13.03 1.02
C PHE A 290 29.29 12.28 2.34
N TYR A 291 28.15 12.34 3.02
CA TYR A 291 27.90 11.55 4.21
C TYR A 291 26.68 10.67 3.98
N VAL A 292 26.72 9.46 4.54
CA VAL A 292 25.59 8.53 4.51
C VAL A 292 25.20 8.17 5.94
N LEU A 293 23.90 8.12 6.20
CA LEU A 293 23.36 7.66 7.48
C LEU A 293 22.64 6.33 7.30
N ILE A 294 23.14 5.30 7.94
CA ILE A 294 22.56 3.96 7.89
C ILE A 294 22.00 3.65 9.26
N GLU A 295 20.73 3.29 9.32
CA GLU A 295 20.09 2.81 10.54
C GLU A 295 19.70 1.36 10.36
N THR A 296 19.85 0.57 11.43
CA THR A 296 19.35 -0.79 11.44
C THR A 296 18.36 -0.99 12.58
N SER A 297 17.43 -1.91 12.38
CA SER A 297 16.45 -2.30 13.39
C SER A 297 16.29 -3.81 13.29
N GLY A 298 16.52 -4.50 14.40
CA GLY A 298 16.41 -5.94 14.41
C GLY A 298 16.01 -6.45 15.78
N SER A 299 15.80 -7.76 15.84
CA SER A 299 15.33 -8.43 17.05
C SER A 299 16.46 -8.96 17.92
N ASN A 300 17.58 -9.35 17.35
CA ASN A 300 18.74 -9.79 18.13
C ASN A 300 19.80 -8.74 18.05
N ALA A 301 20.07 -8.03 19.14
CA ALA A 301 21.09 -6.99 19.10
C ALA A 301 22.48 -7.56 18.74
N GLY A 302 22.76 -8.79 19.18
CA GLY A 302 24.04 -9.41 18.84
C GLY A 302 24.21 -9.67 17.35
N HIS A 303 23.21 -10.27 16.72
CA HIS A 303 23.29 -10.52 15.28
C HIS A 303 23.41 -9.21 14.50
N ASP A 304 22.64 -8.20 14.87
CA ASP A 304 22.78 -6.90 14.21
C ASP A 304 24.18 -6.33 14.34
N ALA A 305 24.75 -6.33 15.55
CA ALA A 305 26.09 -5.81 15.76
C ALA A 305 27.13 -6.54 14.92
N GLU A 306 27.00 -7.86 14.80
CA GLU A 306 27.92 -8.64 13.97
C GLU A 306 27.77 -8.33 12.47
N LYS A 307 26.53 -8.20 11.99
CA LYS A 307 26.31 -7.87 10.60
C LYS A 307 26.92 -6.53 10.17
N LEU A 308 26.70 -5.48 10.95
CA LEU A 308 27.28 -4.18 10.59
C LEU A 308 28.80 -4.15 10.80
N GLY A 309 29.31 -4.84 11.82
CA GLY A 309 30.76 -4.91 12.00
C GLY A 309 31.45 -5.50 10.79
N HIS A 310 30.91 -6.60 10.26
CA HIS A 310 31.48 -7.18 9.06
C HIS A 310 31.31 -6.21 7.89
N PHE A 311 30.18 -5.49 7.85
CA PHE A 311 29.92 -4.52 6.79
C PHE A 311 30.90 -3.34 6.84
N LEU A 312 31.08 -2.74 8.02
CA LEU A 312 32.02 -1.63 8.15
C LEU A 312 33.45 -2.07 7.83
N GLU A 313 33.88 -3.21 8.37
CA GLU A 313 35.22 -3.71 8.08
C GLU A 313 35.45 -3.83 6.58
N HIS A 314 34.47 -4.35 5.84
CA HIS A 314 34.58 -4.41 4.38
C HIS A 314 34.48 -3.02 3.75
N ALA A 315 33.57 -2.18 4.24
CA ALA A 315 33.40 -0.84 3.66
C ALA A 315 34.64 0.03 3.87
N LEU A 316 35.17 0.06 5.09
CA LEU A 316 36.43 0.76 5.33
C LEU A 316 37.57 0.08 4.62
N GLY A 317 37.53 -1.26 4.54
CA GLY A 317 38.59 -2.00 3.87
C GLY A 317 38.63 -1.72 2.37
N SER A 318 37.47 -1.64 1.73
CA SER A 318 37.40 -1.45 0.28
C SER A 318 37.43 0.01 -0.14
N GLY A 319 37.57 0.95 0.80
CA GLY A 319 37.64 2.36 0.44
C GLY A 319 36.33 3.04 0.13
N LEU A 320 35.20 2.38 0.38
CA LEU A 320 33.91 3.01 0.18
C LEU A 320 33.63 4.10 1.23
N VAL A 321 34.19 3.94 2.43
CA VAL A 321 34.06 4.91 3.50
C VAL A 321 35.45 5.29 4.00
N THR A 322 35.66 6.59 4.21
CA THR A 322 36.95 7.10 4.67
C THR A 322 37.00 7.23 6.19
N ASP A 323 35.90 7.66 6.81
CA ASP A 323 35.81 7.72 8.26
C ASP A 323 34.36 7.48 8.63
N GLY A 324 34.12 6.94 9.82
CA GLY A 324 32.76 6.67 10.24
C GLY A 324 32.61 6.63 11.74
N THR A 325 31.35 6.73 12.18
CA THR A 325 31.02 6.59 13.59
C THR A 325 29.74 5.75 13.69
N MET A 326 29.54 5.16 14.87
CA MET A 326 28.41 4.28 15.14
C MET A 326 27.88 4.57 16.54
N ALA A 327 26.58 4.34 16.72
CA ALA A 327 25.97 4.52 18.02
C ALA A 327 24.80 3.58 18.18
N THR A 328 24.75 2.87 19.32
CA THR A 328 23.55 2.20 19.78
C THR A 328 22.90 2.92 20.95
N ASP A 329 23.62 3.82 21.61
CA ASP A 329 23.04 4.64 22.67
C ASP A 329 21.93 5.52 22.13
N GLN A 330 20.79 5.53 22.82
CA GLN A 330 19.64 6.31 22.36
C GLN A 330 19.98 7.79 22.22
N ARG A 331 20.80 8.32 23.13
CA ARG A 331 21.20 9.72 23.07
C ARG A 331 22.02 10.02 21.81
N LYS A 332 23.11 9.28 21.60
CA LYS A 332 23.97 9.55 20.45
C LYS A 332 23.27 9.21 19.13
N VAL A 333 22.38 8.22 19.13
CA VAL A 333 21.61 7.93 17.92
C VAL A 333 20.79 9.14 17.49
N LYS A 334 20.15 9.81 18.45
CA LYS A 334 19.40 11.04 18.15
C LYS A 334 20.31 12.17 17.70
N MET A 335 21.52 12.26 18.28
CA MET A 335 22.46 13.29 17.86
C MET A 335 22.90 13.09 16.41
N LEU A 336 23.16 11.84 16.01
CA LEU A 336 23.47 11.57 14.62
C LEU A 336 22.27 11.85 13.71
N TRP A 337 21.09 11.39 14.12
CA TRP A 337 19.86 11.67 13.37
C TRP A 337 19.54 13.16 13.29
N ALA A 338 19.87 13.94 14.32
CA ALA A 338 19.62 15.39 14.29
C ALA A 338 20.35 16.10 13.16
N LEU A 339 21.54 15.60 12.78
CA LEU A 339 22.28 16.24 11.70
C LEU A 339 21.56 16.16 10.35
N ARG A 340 20.79 15.09 10.13
CA ARG A 340 19.99 14.89 8.93
C ARG A 340 18.56 15.44 8.95
N GLU A 341 17.79 15.19 10.02
CA GLU A 341 16.36 15.52 9.99
C GLU A 341 16.09 17.02 9.79
N ARG A 342 16.90 17.88 10.38
CA ARG A 342 16.69 19.33 10.32
C ARG A 342 17.53 20.05 9.26
N ILE A 343 18.09 19.31 8.30
CA ILE A 343 18.84 19.96 7.24
C ILE A 343 17.92 20.95 6.57
N THR A 344 16.64 20.58 6.45
CA THR A 344 15.66 21.44 5.81
C THR A 344 15.51 22.74 6.61
N GLU A 345 15.63 22.65 7.94
CA GLU A 345 15.66 23.84 8.78
C GLU A 345 16.90 24.69 8.50
N ALA A 346 18.07 24.04 8.41
CA ALA A 346 19.30 24.75 8.10
C ALA A 346 19.28 25.42 6.72
N LEU A 347 18.55 24.85 5.75
CA LEU A 347 18.45 25.47 4.43
C LEU A 347 17.60 26.73 4.42
N SER A 348 16.45 26.69 5.08
CA SER A 348 15.58 27.87 5.15
C SER A 348 16.20 29.02 5.91
N ARG A 349 17.22 28.75 6.72
CA ARG A 349 17.98 29.76 7.43
C ARG A 349 19.20 30.28 6.66
N ASP A 350 19.50 29.72 5.50
CA ASP A 350 20.64 30.19 4.70
C ASP A 350 20.27 31.34 3.77
N GLY A 351 19.00 31.49 3.46
CA GLY A 351 18.49 32.57 2.62
C GLY A 351 17.18 32.10 1.99
N TYR A 352 16.93 32.54 0.75
CA TYR A 352 15.80 32.00 0.02
C TYR A 352 16.18 30.64 -0.54
N VAL A 353 15.30 29.66 -0.36
CA VAL A 353 15.53 28.27 -0.75
C VAL A 353 14.63 27.94 -1.93
N TYR A 354 15.24 27.51 -3.03
CA TYR A 354 14.49 26.90 -4.12
C TYR A 354 14.52 25.39 -3.88
N LYS A 355 13.35 24.80 -3.66
CA LYS A 355 13.27 23.42 -3.19
C LYS A 355 12.58 22.53 -4.21
N TYR A 356 13.20 21.39 -4.49
CA TYR A 356 12.67 20.41 -5.42
C TYR A 356 12.81 19.02 -4.83
N ASP A 357 11.74 18.24 -4.90
CA ASP A 357 11.64 16.91 -4.31
C ASP A 357 11.42 15.92 -5.44
N LEU A 358 12.51 15.28 -5.85
CA LEU A 358 12.55 14.52 -7.09
C LEU A 358 12.77 13.04 -6.82
N SER A 359 12.07 12.22 -7.59
CA SER A 359 12.38 10.79 -7.70
C SER A 359 13.15 10.61 -9.00
N LEU A 360 14.33 10.03 -8.92
CA LEU A 360 15.17 9.83 -10.09
C LEU A 360 15.79 8.45 -9.96
N PRO A 361 16.30 7.89 -11.05
CA PRO A 361 17.08 6.65 -10.90
C PRO A 361 18.23 6.92 -9.93
N VAL A 362 18.37 6.03 -8.96
CA VAL A 362 19.32 6.22 -7.87
C VAL A 362 20.73 6.48 -8.39
N GLU A 363 21.13 5.80 -9.47
CA GLU A 363 22.47 6.00 -10.03
C GLU A 363 22.68 7.40 -10.59
N ARG A 364 21.62 8.08 -11.03
CA ARG A 364 21.74 9.42 -11.58
C ARG A 364 21.25 10.49 -10.62
N LEU A 365 21.07 10.13 -9.35
CA LEU A 365 20.35 10.97 -8.40
C LEU A 365 21.06 12.29 -8.16
N TYR A 366 22.39 12.26 -8.06
CA TYR A 366 23.17 13.46 -7.79
C TYR A 366 23.64 14.18 -9.05
N ASP A 367 23.38 13.62 -10.24
CA ASP A 367 23.87 14.24 -11.47
C ASP A 367 23.28 15.63 -11.68
N ILE A 368 22.01 15.82 -11.30
CA ILE A 368 21.39 17.14 -11.41
C ILE A 368 22.02 18.15 -10.47
N VAL A 369 22.56 17.72 -9.33
CA VAL A 369 23.25 18.66 -8.44
C VAL A 369 24.53 19.16 -9.09
N THR A 370 25.31 18.25 -9.67
CA THR A 370 26.51 18.66 -10.41
C THR A 370 26.13 19.52 -11.62
N ASP A 371 25.06 19.14 -12.33
CA ASP A 371 24.59 19.92 -13.46
C ASP A 371 24.21 21.34 -13.04
N LEU A 372 23.37 21.48 -12.00
CA LEU A 372 22.95 22.82 -11.61
C LEU A 372 24.14 23.64 -11.10
N ARG A 373 25.09 23.01 -10.41
CA ARG A 373 26.27 23.72 -9.96
C ARG A 373 27.07 24.25 -11.15
N ALA A 374 27.19 23.45 -12.21
CA ALA A 374 27.84 23.95 -13.42
C ALA A 374 26.97 25.00 -14.11
N ARG A 375 25.66 24.77 -14.20
CA ARG A 375 24.82 25.76 -14.88
C ARG A 375 24.75 27.04 -14.07
N LEU A 376 24.53 26.92 -12.76
CA LEU A 376 24.43 28.06 -11.86
C LEU A 376 25.84 28.42 -11.38
N GLY A 377 26.40 29.48 -11.91
CA GLY A 377 27.70 29.91 -11.49
C GLY A 377 27.69 30.49 -10.09
N PRO A 378 28.14 31.74 -9.99
CA PRO A 378 28.16 32.45 -8.71
C PRO A 378 26.83 33.08 -8.35
N HIS A 379 25.81 32.87 -9.18
CA HIS A 379 24.48 33.44 -8.99
C HIS A 379 23.62 32.66 -8.01
N ALA A 380 24.07 31.52 -7.52
CA ALA A 380 23.39 30.86 -6.42
C ALA A 380 24.35 30.87 -5.23
N LYS A 381 23.80 30.83 -4.02
CA LYS A 381 24.65 30.76 -2.85
C LYS A 381 25.18 29.36 -2.62
N HIS A 382 24.27 28.39 -2.51
CA HIS A 382 24.64 26.99 -2.40
C HIS A 382 23.64 26.15 -3.18
N VAL A 383 24.12 25.03 -3.72
CA VAL A 383 23.30 23.97 -4.30
C VAL A 383 23.61 22.70 -3.54
N VAL A 384 22.58 22.07 -2.97
CA VAL A 384 22.76 20.87 -2.18
C VAL A 384 21.88 19.75 -2.71
N GLY A 385 22.28 18.53 -2.38
CA GLY A 385 21.51 17.33 -2.69
C GLY A 385 21.60 16.41 -1.51
N TYR A 386 20.45 15.93 -1.04
CA TYR A 386 20.37 14.99 0.05
C TYR A 386 19.03 14.27 -0.03
N GLY A 387 18.81 13.35 0.90
CA GLY A 387 17.51 12.75 1.01
C GLY A 387 17.59 11.24 1.04
N HIS A 388 16.47 10.62 0.66
CA HIS A 388 16.24 9.19 0.83
C HIS A 388 16.80 8.47 -0.38
N LEU A 389 18.10 8.16 -0.32
CA LEU A 389 18.79 7.52 -1.44
C LEU A 389 18.27 6.10 -1.65
N GLY A 390 17.92 5.42 -0.56
CA GLY A 390 17.33 4.10 -0.66
C GLY A 390 16.04 4.07 -1.47
N ASP A 391 15.29 5.16 -1.46
CA ASP A 391 14.04 5.26 -2.21
C ASP A 391 14.18 6.07 -3.50
N GLY A 392 15.40 6.41 -3.89
CA GLY A 392 15.58 7.20 -5.09
C GLY A 392 14.98 8.59 -4.99
N ASN A 393 14.95 9.16 -3.80
CA ASN A 393 14.28 10.43 -3.53
C ASN A 393 15.36 11.47 -3.23
N LEU A 394 15.56 12.40 -4.16
CA LEU A 394 16.52 13.48 -3.98
C LEU A 394 15.79 14.73 -3.49
N HIS A 395 16.26 15.28 -2.39
CA HIS A 395 15.87 16.62 -1.97
C HIS A 395 16.90 17.58 -2.54
N LEU A 396 16.55 18.23 -3.64
CA LEU A 396 17.42 19.18 -4.32
C LEU A 396 17.04 20.58 -3.86
N ASN A 397 18.00 21.32 -3.36
CA ASN A 397 17.76 22.68 -2.89
C ASN A 397 18.84 23.62 -3.40
N VAL A 398 18.41 24.81 -3.80
CA VAL A 398 19.27 25.92 -4.20
C VAL A 398 18.97 27.10 -3.30
N THR A 399 20.01 27.67 -2.71
CA THR A 399 19.89 28.84 -1.85
C THR A 399 20.41 30.08 -2.56
N ALA A 400 19.87 31.23 -2.16
CA ALA A 400 20.33 32.51 -2.67
C ALA A 400 20.17 33.55 -1.58
N GLU A 401 21.06 34.54 -1.59
CA GLU A 401 21.02 35.63 -0.61
C GLU A 401 19.66 36.32 -0.60
N ALA A 402 19.03 36.45 -1.76
CA ALA A 402 17.66 36.90 -1.88
C ALA A 402 17.03 36.17 -3.05
N PHE A 403 15.70 36.20 -3.12
CA PHE A 403 15.04 35.62 -4.28
C PHE A 403 15.43 36.41 -5.53
N SER A 404 15.62 35.69 -6.62
CA SER A 404 15.88 36.33 -7.90
C SER A 404 15.08 35.65 -8.99
N PRO A 405 14.27 36.41 -9.75
CA PRO A 405 13.55 35.82 -10.88
C PRO A 405 14.48 35.31 -11.98
N SER A 406 15.69 35.86 -12.08
CA SER A 406 16.73 35.28 -12.92
C SER A 406 17.00 33.82 -12.56
N LEU A 407 17.35 33.58 -11.30
CA LEU A 407 17.70 32.23 -10.85
C LEU A 407 16.55 31.24 -10.96
N LEU A 408 15.31 31.68 -10.74
CA LEU A 408 14.16 30.80 -10.98
C LEU A 408 14.05 30.42 -12.46
N ALA A 409 14.28 31.37 -13.36
CA ALA A 409 14.24 31.06 -14.80
C ALA A 409 15.38 30.13 -15.21
N ALA A 410 16.51 30.18 -14.52
CA ALA A 410 17.59 29.22 -14.77
C ALA A 410 17.23 27.82 -14.29
N LEU A 411 16.49 27.72 -13.19
CA LEU A 411 16.14 26.44 -12.58
C LEU A 411 14.89 25.81 -13.17
N GLU A 412 13.90 26.62 -13.54
CA GLU A 412 12.63 26.14 -14.04
C GLU A 412 12.36 26.70 -15.43
N PRO A 413 11.95 25.87 -16.40
CA PRO A 413 11.59 24.46 -16.23
C PRO A 413 12.72 23.43 -16.26
N HIS A 414 13.98 23.88 -16.33
CA HIS A 414 15.10 22.97 -16.52
C HIS A 414 15.08 21.79 -15.54
N VAL A 415 14.89 22.08 -14.25
CA VAL A 415 14.87 21.00 -13.26
C VAL A 415 13.71 20.05 -13.50
N TYR A 416 12.53 20.57 -13.84
CA TYR A 416 11.39 19.70 -14.11
C TYR A 416 11.54 18.93 -15.42
N GLU A 417 12.15 19.54 -16.42
CA GLU A 417 12.40 18.88 -17.70
C GLU A 417 13.47 17.79 -17.56
N TRP A 418 14.53 18.08 -16.82
CA TRP A 418 15.55 17.06 -16.52
C TRP A 418 14.94 15.79 -15.92
N THR A 419 14.12 15.95 -14.88
CA THR A 419 13.48 14.79 -14.23
C THR A 419 12.60 14.01 -15.21
N ALA A 420 11.77 14.71 -15.98
CA ALA A 420 10.95 14.04 -16.99
C ALA A 420 11.80 13.27 -17.98
N GLY A 421 12.95 13.82 -18.37
CA GLY A 421 13.88 13.06 -19.20
C GLY A 421 14.30 11.75 -18.58
N GLN A 422 14.36 11.69 -17.25
CA GLN A 422 14.64 10.48 -16.50
C GLN A 422 13.39 9.69 -16.12
N GLN A 423 12.22 10.09 -16.64
CA GLN A 423 10.93 9.51 -16.24
C GLN A 423 10.73 9.57 -14.72
N GLY A 424 11.16 10.68 -14.11
CA GLY A 424 11.11 10.81 -12.68
C GLY A 424 9.85 11.52 -12.21
N SER A 425 9.75 11.68 -10.89
CA SER A 425 8.65 12.41 -10.28
C SER A 425 9.10 13.81 -9.91
N VAL A 426 8.32 14.81 -10.31
CA VAL A 426 8.57 16.19 -9.91
C VAL A 426 8.09 16.52 -8.49
N SER A 427 7.40 15.60 -7.83
CA SER A 427 7.13 15.75 -6.40
C SER A 427 7.05 14.34 -5.80
N ALA A 428 8.21 13.81 -5.42
CA ALA A 428 8.28 12.43 -4.95
C ALA A 428 7.51 12.21 -3.65
N GLU A 429 7.47 13.23 -2.78
CA GLU A 429 7.08 13.01 -1.40
C GLU A 429 6.19 14.12 -0.85
N HIS A 430 6.66 15.36 -0.99
CA HIS A 430 6.00 16.52 -0.39
C HIS A 430 4.62 16.77 -0.97
N GLY A 431 4.34 16.28 -2.16
CA GLY A 431 3.04 16.44 -2.77
C GLY A 431 3.03 17.63 -3.71
N VAL A 432 1.80 18.01 -4.08
CA VAL A 432 1.59 19.03 -5.11
C VAL A 432 1.24 20.39 -4.50
N GLY A 433 0.15 20.43 -3.74
CA GLY A 433 -0.30 21.67 -3.11
C GLY A 433 -0.52 22.80 -4.09
N PHE A 434 -0.20 24.02 -3.64
CA PHE A 434 -0.30 25.20 -4.50
C PHE A 434 0.88 25.35 -5.46
N ARG A 435 2.09 25.04 -5.00
CA ARG A 435 3.29 25.36 -5.79
C ARG A 435 3.39 24.49 -7.04
N LYS A 436 3.05 23.21 -6.94
CA LYS A 436 3.31 22.26 -8.01
C LYS A 436 2.04 21.83 -8.76
N ARG A 437 0.94 22.57 -8.60
CA ARG A 437 -0.33 22.18 -9.20
C ARG A 437 -0.24 22.18 -10.72
N ASP A 438 0.60 23.07 -11.27
CA ASP A 438 0.81 23.25 -12.70
C ASP A 438 2.09 22.60 -13.22
N VAL A 439 2.67 21.66 -12.46
CA VAL A 439 3.85 20.95 -12.90
C VAL A 439 3.62 19.43 -12.95
N LEU A 440 2.36 19.00 -12.92
CA LEU A 440 2.07 17.57 -13.01
C LEU A 440 2.26 16.98 -14.41
N GLY A 441 2.21 17.81 -15.46
CA GLY A 441 2.49 17.30 -16.80
C GLY A 441 3.84 16.63 -16.94
N TYR A 442 4.82 17.04 -16.14
CA TYR A 442 6.13 16.41 -16.17
C TYR A 442 6.13 15.00 -15.58
N SER A 443 5.13 14.63 -14.78
CA SER A 443 5.06 13.29 -14.20
C SER A 443 3.80 12.51 -14.53
N LYS A 444 2.72 13.18 -14.94
CA LYS A 444 1.46 12.50 -15.18
C LYS A 444 0.92 12.86 -16.56
N PRO A 445 0.43 11.88 -17.31
CA PRO A 445 -0.13 12.16 -18.62
C PRO A 445 -1.48 12.83 -18.51
N PRO A 446 -1.96 13.47 -19.59
CA PRO A 446 -3.23 14.20 -19.53
C PRO A 446 -4.42 13.35 -19.12
N GLY A 447 -4.47 12.09 -19.57
CA GLY A 447 -5.57 11.22 -19.19
C GLY A 447 -5.65 10.93 -17.70
N ALA A 448 -4.49 10.76 -17.04
CA ALA A 448 -4.49 10.62 -15.59
C ALA A 448 -4.97 11.88 -14.89
N LEU A 449 -4.42 13.04 -15.26
CA LEU A 449 -4.84 14.29 -14.66
C LEU A 449 -6.32 14.58 -14.90
N GLN A 450 -6.86 14.14 -16.04
CA GLN A 450 -8.28 14.32 -16.31
C GLN A 450 -9.14 13.51 -15.34
N LEU A 451 -8.77 12.25 -15.10
CA LEU A 451 -9.50 11.41 -14.15
C LEU A 451 -9.44 11.96 -12.73
N MET A 452 -8.32 12.55 -12.32
CA MET A 452 -8.27 13.18 -11.01
C MET A 452 -9.33 14.27 -10.85
N GLN A 453 -9.52 15.11 -11.86
CA GLN A 453 -10.57 16.13 -11.79
C GLN A 453 -11.96 15.51 -11.77
N GLN A 454 -12.14 14.38 -12.47
CA GLN A 454 -13.43 13.70 -12.43
C GLN A 454 -13.72 13.14 -11.05
N LEU A 455 -12.72 12.55 -10.39
CA LEU A 455 -12.90 12.11 -9.01
C LEU A 455 -13.17 13.31 -8.10
N LYS A 456 -12.42 14.39 -8.31
CA LYS A 456 -12.64 15.63 -7.57
C LYS A 456 -14.05 16.16 -7.77
N ALA A 457 -14.55 16.15 -9.01
CA ALA A 457 -15.91 16.63 -9.27
C ALA A 457 -16.96 15.73 -8.63
N LEU A 458 -16.71 14.43 -8.55
CA LEU A 458 -17.65 13.52 -7.89
C LEU A 458 -17.68 13.74 -6.38
N LEU A 459 -16.51 13.72 -5.73
CA LEU A 459 -16.45 13.82 -4.28
C LEU A 459 -16.67 15.24 -3.78
N ASP A 460 -16.31 16.26 -4.56
CA ASP A 460 -16.48 17.65 -4.15
C ASP A 460 -16.92 18.47 -5.36
N PRO A 461 -18.20 18.36 -5.75
CA PRO A 461 -18.67 19.10 -6.94
C PRO A 461 -18.58 20.61 -6.80
N LYS A 462 -18.87 21.15 -5.61
CA LYS A 462 -18.75 22.58 -5.39
C LYS A 462 -17.29 23.03 -5.31
N GLY A 463 -16.36 22.12 -5.10
CA GLY A 463 -14.95 22.49 -5.00
C GLY A 463 -14.60 23.27 -3.76
N ILE A 464 -15.34 23.04 -2.67
CA ILE A 464 -15.16 23.79 -1.42
C ILE A 464 -13.89 23.34 -0.68
N LEU A 465 -13.46 22.10 -0.89
CA LEU A 465 -12.32 21.55 -0.16
C LEU A 465 -11.01 21.87 -0.86
N ASN A 466 -10.18 22.69 -0.21
CA ASN A 466 -8.86 23.05 -0.70
C ASN A 466 -8.87 23.58 -2.14
N PRO A 467 -9.52 24.72 -2.38
CA PRO A 467 -9.47 25.29 -3.73
C PRO A 467 -8.05 25.72 -4.09
N TYR A 468 -7.85 25.87 -5.40
CA TYR A 468 -6.59 26.27 -6.05
C TYR A 468 -5.55 25.18 -5.87
N LYS A 469 -6.00 23.99 -5.46
CA LYS A 469 -5.22 22.83 -5.06
C LYS A 469 -5.94 21.62 -5.66
N THR A 470 -5.24 20.51 -5.90
CA THR A 470 -3.81 20.33 -5.85
C THR A 470 -3.45 19.79 -7.22
N LEU A 471 -4.45 19.81 -8.11
CA LEU A 471 -4.71 19.51 -9.50
C LEU A 471 -4.44 20.75 -10.37
N PRO A 472 -4.07 20.54 -11.64
CA PRO A 472 -3.87 21.69 -12.53
C PRO A 472 -5.11 22.57 -12.65
N SER A 473 -4.85 23.85 -12.88
CA SER A 473 -5.89 24.89 -12.89
C SER A 473 -6.99 24.59 -13.90
N PRO B 7 -33.91 -15.78 -9.43
CA PRO B 7 -32.46 -15.76 -9.63
C PRO B 7 -31.95 -14.38 -10.03
N VAL B 8 -30.81 -14.35 -10.70
CA VAL B 8 -30.23 -13.12 -11.24
C VAL B 8 -30.77 -12.91 -12.65
N ARG B 9 -31.09 -11.67 -13.01
CA ARG B 9 -31.62 -11.38 -14.33
C ARG B 9 -30.57 -10.70 -15.20
N ARG B 10 -30.63 -11.00 -16.50
CA ARG B 10 -29.71 -10.45 -17.47
C ARG B 10 -30.03 -8.99 -17.75
N LEU B 11 -29.02 -8.12 -17.63
CA LEU B 11 -29.19 -6.72 -17.98
C LEU B 11 -29.32 -6.56 -19.49
N PRO B 12 -29.96 -5.47 -19.94
CA PRO B 12 -30.28 -5.32 -21.38
C PRO B 12 -29.07 -4.95 -22.23
N PHE B 13 -28.05 -5.80 -22.19
CA PHE B 13 -26.91 -5.68 -23.09
C PHE B 13 -27.28 -6.20 -24.47
N SER B 14 -26.50 -5.79 -25.46
CA SER B 14 -26.63 -6.34 -26.80
C SER B 14 -26.08 -7.76 -26.82
N THR B 15 -26.16 -8.38 -27.99
CA THR B 15 -25.62 -9.72 -28.21
C THR B 15 -24.51 -9.66 -29.25
N VAL B 16 -23.69 -10.69 -29.27
CA VAL B 16 -22.58 -10.76 -30.20
C VAL B 16 -23.15 -11.11 -31.58
N SER B 17 -22.93 -10.23 -32.55
CA SER B 17 -23.34 -10.46 -33.92
C SER B 17 -22.17 -10.93 -34.77
N LYS B 18 -22.46 -11.32 -36.01
CA LYS B 18 -21.42 -11.67 -36.98
C LYS B 18 -20.51 -10.50 -37.28
N GLN B 19 -21.08 -9.30 -37.32
CA GLN B 19 -20.30 -8.08 -37.48
C GLN B 19 -19.31 -7.86 -36.34
N ASP B 20 -19.75 -8.12 -35.11
CA ASP B 20 -18.85 -8.03 -33.96
C ASP B 20 -17.73 -9.05 -34.06
N LEU B 21 -18.05 -10.28 -34.48
CA LEU B 21 -16.99 -11.28 -34.66
C LEU B 21 -16.00 -10.86 -35.73
N ALA B 22 -16.50 -10.25 -36.81
CA ALA B 22 -15.62 -9.71 -37.85
C ALA B 22 -14.79 -8.54 -37.36
N ALA B 23 -15.39 -7.67 -36.54
CA ALA B 23 -14.65 -6.56 -35.94
C ALA B 23 -13.54 -7.05 -35.01
N PHE B 24 -13.81 -8.09 -34.24
CA PHE B 24 -12.78 -8.64 -33.36
C PHE B 24 -11.65 -9.31 -34.12
N GLU B 25 -11.97 -10.01 -35.21
CA GLU B 25 -10.89 -10.60 -36.02
C GLU B 25 -10.00 -9.51 -36.61
N ARG B 26 -10.61 -8.39 -37.00
CA ARG B 26 -9.86 -7.22 -37.43
C ARG B 26 -9.04 -6.65 -36.27
N ILE B 27 -9.64 -6.48 -35.10
CA ILE B 27 -8.94 -5.89 -33.96
C ILE B 27 -7.86 -6.84 -33.44
N VAL B 28 -8.17 -8.12 -33.29
CA VAL B 28 -7.23 -9.13 -32.80
C VAL B 28 -7.13 -10.28 -33.80
N PRO B 29 -6.32 -10.15 -34.85
CA PRO B 29 -6.18 -11.24 -35.84
C PRO B 29 -5.68 -12.52 -35.18
N GLY B 30 -6.45 -13.60 -35.36
CA GLY B 30 -6.14 -14.87 -34.74
C GLY B 30 -6.35 -14.91 -33.24
N GLY B 31 -7.14 -13.99 -32.70
CA GLY B 31 -7.41 -13.97 -31.28
C GLY B 31 -8.88 -14.05 -30.91
N VAL B 32 -9.70 -14.62 -31.79
CA VAL B 32 -11.14 -14.74 -31.57
C VAL B 32 -11.51 -16.22 -31.56
N VAL B 33 -11.96 -16.71 -30.41
CA VAL B 33 -12.42 -18.09 -30.25
C VAL B 33 -13.93 -18.08 -30.09
N THR B 34 -14.63 -18.81 -30.96
CA THR B 34 -16.07 -18.93 -30.88
C THR B 34 -16.57 -20.37 -30.78
N ASP B 35 -15.68 -21.35 -30.87
CA ASP B 35 -16.07 -22.75 -30.85
C ASP B 35 -16.65 -23.13 -29.50
N PRO B 36 -17.92 -23.59 -29.44
CA PRO B 36 -18.54 -23.84 -28.12
C PRO B 36 -17.84 -24.84 -27.22
N GLU B 37 -17.22 -25.90 -27.76
CA GLU B 37 -16.47 -26.81 -26.89
C GLU B 37 -15.19 -26.18 -26.33
N ALA B 38 -14.48 -25.40 -27.15
CA ALA B 38 -13.31 -24.70 -26.62
C ALA B 38 -13.72 -23.63 -25.62
N LEU B 39 -14.88 -23.01 -25.83
CA LEU B 39 -15.38 -21.99 -24.92
C LEU B 39 -15.96 -22.54 -23.63
N GLN B 40 -16.14 -23.86 -23.53
CA GLN B 40 -16.74 -24.45 -22.33
C GLN B 40 -15.86 -24.24 -21.10
N ALA B 41 -14.57 -24.57 -21.22
CA ALA B 41 -13.65 -24.47 -20.09
C ALA B 41 -13.54 -23.06 -19.53
N PRO B 42 -13.28 -22.01 -20.31
CA PRO B 42 -13.21 -20.67 -19.72
C PRO B 42 -14.53 -20.15 -19.18
N ASN B 43 -15.67 -20.76 -19.53
CA ASN B 43 -16.93 -20.36 -18.91
C ASN B 43 -17.15 -20.94 -17.51
N VAL B 44 -16.43 -21.98 -17.11
CA VAL B 44 -16.63 -22.62 -15.82
C VAL B 44 -15.53 -22.17 -14.87
N ASP B 45 -15.91 -21.75 -13.66
CA ASP B 45 -14.95 -21.28 -12.67
C ASP B 45 -14.10 -22.43 -12.11
N TRP B 46 -13.07 -22.03 -11.36
CA TRP B 46 -12.10 -22.98 -10.80
C TRP B 46 -12.77 -24.01 -9.90
N LEU B 47 -13.74 -23.59 -9.10
CA LEU B 47 -14.45 -24.52 -8.23
C LEU B 47 -15.47 -25.36 -8.98
N ARG B 48 -15.73 -25.03 -10.23
CA ARG B 48 -16.63 -25.79 -11.09
C ARG B 48 -18.07 -25.81 -10.55
N THR B 49 -18.48 -24.70 -9.92
CA THR B 49 -19.86 -24.56 -9.49
C THR B 49 -20.59 -23.44 -10.22
N LEU B 50 -19.91 -22.69 -11.10
CA LEU B 50 -20.53 -21.66 -11.90
C LEU B 50 -20.14 -21.89 -13.34
N ARG B 51 -21.10 -21.74 -14.26
CA ARG B 51 -20.80 -21.83 -15.68
C ARG B 51 -21.52 -20.75 -16.45
N GLY B 52 -20.78 -19.94 -17.21
CA GLY B 52 -21.39 -18.96 -18.07
C GLY B 52 -21.75 -19.51 -19.45
N CYS B 53 -22.43 -18.67 -20.21
CA CYS B 53 -22.89 -18.98 -21.56
C CYS B 53 -22.28 -18.02 -22.57
N SER B 54 -21.02 -17.66 -22.37
CA SER B 54 -20.34 -16.77 -23.29
C SER B 54 -20.05 -17.47 -24.61
N LYS B 55 -20.24 -16.75 -25.71
CA LYS B 55 -20.05 -17.34 -27.04
C LYS B 55 -18.78 -16.88 -27.72
N VAL B 56 -17.98 -16.02 -27.09
CA VAL B 56 -16.73 -15.54 -27.69
C VAL B 56 -15.75 -15.18 -26.58
N LEU B 57 -14.52 -15.70 -26.69
CA LEU B 57 -13.43 -15.36 -25.79
C LEU B 57 -12.37 -14.67 -26.64
N LEU B 58 -12.01 -13.45 -26.27
CA LEU B 58 -10.97 -12.72 -26.97
C LEU B 58 -9.66 -12.75 -26.20
N ARG B 59 -8.56 -12.93 -26.94
CA ARG B 59 -7.22 -13.11 -26.38
C ARG B 59 -6.26 -12.13 -27.04
N PRO B 60 -6.34 -10.85 -26.67
CA PRO B 60 -5.46 -9.85 -27.28
C PRO B 60 -4.02 -10.03 -26.82
N ARG B 61 -3.10 -9.51 -27.64
CA ARG B 61 -1.68 -9.51 -27.31
C ARG B 61 -1.18 -8.19 -26.76
N THR B 62 -1.78 -7.06 -27.11
CA THR B 62 -1.21 -5.75 -26.81
C THR B 62 -2.25 -4.87 -26.13
N SER B 63 -1.77 -3.81 -25.48
CA SER B 63 -2.65 -2.86 -24.82
C SER B 63 -3.55 -2.11 -25.80
N GLU B 64 -3.00 -1.71 -26.95
CA GLU B 64 -3.82 -1.07 -27.98
C GLU B 64 -4.98 -1.94 -28.42
N GLU B 65 -4.74 -3.24 -28.59
CA GLU B 65 -5.82 -4.16 -28.96
C GLU B 65 -6.90 -4.23 -27.88
N VAL B 66 -6.50 -4.23 -26.60
CA VAL B 66 -7.49 -4.21 -25.52
C VAL B 66 -8.31 -2.93 -25.53
N SER B 67 -7.66 -1.79 -25.77
CA SER B 67 -8.36 -0.52 -25.89
C SER B 67 -9.37 -0.53 -27.04
N HIS B 68 -8.97 -1.04 -28.20
CA HIS B 68 -9.84 -1.08 -29.36
C HIS B 68 -11.00 -2.06 -29.18
N ILE B 69 -10.76 -3.21 -28.54
CA ILE B 69 -11.85 -4.15 -28.26
C ILE B 69 -12.92 -3.47 -27.43
N LEU B 70 -12.53 -2.81 -26.33
CA LEU B 70 -13.49 -2.17 -25.46
C LEU B 70 -14.13 -0.95 -26.12
N ARG B 71 -13.39 -0.24 -26.96
CA ARG B 71 -14.00 0.82 -27.76
C ARG B 71 -15.16 0.29 -28.60
N HIS B 72 -14.95 -0.84 -29.28
CA HIS B 72 -16.02 -1.46 -30.04
C HIS B 72 -17.15 -1.92 -29.13
N CYS B 73 -16.80 -2.60 -28.03
CA CYS B 73 -17.80 -3.08 -27.08
C CYS B 73 -18.54 -1.94 -26.38
N HIS B 74 -17.88 -0.81 -26.14
CA HIS B 74 -18.58 0.33 -25.54
C HIS B 74 -19.63 0.90 -26.49
N GLU B 75 -19.29 1.06 -27.76
CA GLU B 75 -20.25 1.55 -28.74
C GLU B 75 -21.40 0.57 -28.95
N ARG B 76 -21.10 -0.73 -29.04
CA ARG B 76 -22.10 -1.75 -29.30
C ARG B 76 -22.87 -2.21 -28.06
N ASN B 77 -22.44 -1.78 -26.87
CA ASN B 77 -23.03 -2.18 -25.59
C ASN B 77 -22.98 -3.70 -25.33
N LEU B 78 -21.77 -4.26 -25.41
CA LEU B 78 -21.55 -5.67 -25.11
C LEU B 78 -20.78 -5.79 -23.81
N ALA B 79 -21.30 -6.60 -22.89
CA ALA B 79 -20.63 -6.79 -21.61
C ALA B 79 -19.37 -7.63 -21.80
N VAL B 80 -18.36 -7.34 -20.97
CA VAL B 80 -17.06 -7.98 -21.07
C VAL B 80 -16.69 -8.55 -19.70
N ASN B 81 -16.14 -9.76 -19.70
CA ASN B 81 -15.70 -10.46 -18.51
C ASN B 81 -14.20 -10.67 -18.62
N PRO B 82 -13.38 -9.80 -18.02
CA PRO B 82 -11.93 -10.04 -18.02
C PRO B 82 -11.60 -11.32 -17.28
N GLN B 83 -10.61 -12.06 -17.80
CA GLN B 83 -10.23 -13.31 -17.19
C GLN B 83 -8.72 -13.50 -17.33
N GLY B 84 -8.09 -13.89 -16.22
CA GLY B 84 -6.68 -14.24 -16.21
C GLY B 84 -6.49 -15.74 -16.14
N GLY B 85 -5.82 -16.20 -15.09
CA GLY B 85 -5.64 -17.62 -14.85
C GLY B 85 -6.91 -18.38 -14.51
N ASN B 86 -8.00 -17.67 -14.22
CA ASN B 86 -9.29 -18.31 -13.85
C ASN B 86 -9.13 -19.16 -12.60
N THR B 87 -8.34 -18.66 -11.65
CA THR B 87 -8.15 -19.31 -10.35
C THR B 87 -8.92 -18.62 -9.25
N GLY B 88 -9.70 -17.60 -9.59
CA GLY B 88 -10.50 -16.90 -8.60
C GLY B 88 -11.51 -17.82 -7.93
N MET B 89 -11.82 -17.51 -6.68
CA MET B 89 -12.63 -18.35 -5.82
C MET B 89 -14.04 -17.83 -5.60
N VAL B 90 -14.40 -16.70 -6.21
CA VAL B 90 -15.65 -16.04 -5.88
C VAL B 90 -16.53 -15.85 -7.12
N GLY B 91 -16.33 -16.67 -8.14
CA GLY B 91 -17.17 -16.62 -9.32
C GLY B 91 -17.04 -15.37 -10.16
N GLY B 92 -15.99 -14.58 -9.95
CA GLY B 92 -15.80 -13.35 -10.72
C GLY B 92 -15.12 -13.55 -12.04
N SER B 93 -14.52 -14.71 -12.24
CA SER B 93 -13.64 -14.98 -13.38
C SER B 93 -14.39 -15.52 -14.59
N VAL B 94 -15.62 -15.96 -14.43
CA VAL B 94 -16.38 -16.54 -15.54
C VAL B 94 -17.65 -15.73 -15.74
N PRO B 95 -18.21 -15.76 -16.95
CA PRO B 95 -19.45 -15.01 -17.22
C PRO B 95 -20.65 -15.58 -16.49
N VAL B 96 -21.62 -14.71 -16.23
CA VAL B 96 -22.91 -15.14 -15.72
C VAL B 96 -23.85 -15.51 -16.87
N PHE B 97 -23.92 -14.65 -17.90
CA PHE B 97 -24.70 -14.93 -19.09
C PHE B 97 -23.74 -15.02 -20.27
N ASP B 98 -23.84 -14.11 -21.25
CA ASP B 98 -23.05 -14.19 -22.47
C ASP B 98 -22.04 -13.05 -22.62
N GLU B 99 -21.46 -12.58 -21.52
CA GLU B 99 -20.47 -11.50 -21.60
C GLU B 99 -19.21 -12.00 -22.30
N ILE B 100 -18.63 -11.14 -23.15
CA ILE B 100 -17.42 -11.51 -23.86
C ILE B 100 -16.29 -11.73 -22.87
N ILE B 101 -15.63 -12.89 -22.98
CA ILE B 101 -14.47 -13.21 -22.15
C ILE B 101 -13.21 -12.61 -22.77
N LEU B 102 -12.59 -11.68 -22.04
CA LEU B 102 -11.32 -11.08 -22.48
C LEU B 102 -10.16 -11.66 -21.68
N SER B 103 -9.44 -12.57 -22.32
CA SER B 103 -8.35 -13.28 -21.68
C SER B 103 -7.05 -12.51 -21.90
N THR B 104 -6.21 -12.50 -20.87
CA THR B 104 -4.87 -11.95 -20.94
C THR B 104 -3.81 -13.00 -21.28
N ALA B 105 -4.24 -14.19 -21.71
CA ALA B 105 -3.31 -15.31 -21.90
C ALA B 105 -2.16 -14.98 -22.84
N ARG B 106 -2.36 -14.11 -23.83
CA ARG B 106 -1.29 -13.75 -24.75
C ARG B 106 -0.59 -12.45 -24.37
N MET B 107 -1.04 -11.77 -23.31
CA MET B 107 -0.36 -10.59 -22.81
C MET B 107 0.63 -11.01 -21.73
N ASN B 108 1.69 -11.70 -22.17
CA ASN B 108 2.57 -12.42 -21.25
C ASN B 108 4.02 -12.01 -21.44
N ARG B 109 4.27 -10.77 -21.85
CA ARG B 109 5.62 -10.28 -22.07
C ARG B 109 6.09 -9.42 -20.90
N VAL B 110 7.36 -9.58 -20.54
CA VAL B 110 8.04 -8.70 -19.60
C VAL B 110 8.61 -7.53 -20.37
N LEU B 111 8.33 -6.30 -19.91
CA LEU B 111 8.80 -5.13 -20.63
C LEU B 111 10.21 -4.72 -20.22
N SER B 112 10.48 -4.67 -18.91
CA SER B 112 11.82 -4.33 -18.43
C SER B 112 11.97 -4.81 -17.00
N PHE B 113 13.23 -4.99 -16.59
CA PHE B 113 13.56 -5.27 -15.20
C PHE B 113 14.90 -4.63 -14.87
N HIS B 114 14.91 -3.75 -13.87
CA HIS B 114 16.12 -3.07 -13.45
C HIS B 114 16.74 -3.85 -12.28
N SER B 115 17.94 -4.40 -12.51
CA SER B 115 18.57 -5.29 -11.54
C SER B 115 19.04 -4.57 -10.28
N VAL B 116 19.13 -3.24 -10.28
CA VAL B 116 19.46 -2.51 -9.04
C VAL B 116 18.20 -2.26 -8.22
N SER B 117 17.27 -1.45 -8.75
CA SER B 117 16.07 -1.13 -7.98
C SER B 117 15.14 -2.32 -7.80
N GLY B 118 15.22 -3.33 -8.66
CA GLY B 118 14.32 -4.46 -8.59
C GLY B 118 12.91 -4.16 -9.02
N ILE B 119 12.71 -3.23 -9.94
CA ILE B 119 11.39 -2.87 -10.42
C ILE B 119 11.09 -3.70 -11.67
N LEU B 120 9.99 -4.45 -11.63
CA LEU B 120 9.55 -5.26 -12.75
C LEU B 120 8.37 -4.60 -13.45
N VAL B 121 8.44 -4.51 -14.78
CA VAL B 121 7.33 -4.05 -15.61
C VAL B 121 7.00 -5.17 -16.58
N CYS B 122 5.76 -5.67 -16.53
CA CYS B 122 5.35 -6.79 -17.36
C CYS B 122 3.86 -6.66 -17.68
N GLN B 123 3.44 -7.39 -18.71
CA GLN B 123 2.04 -7.41 -19.08
C GLN B 123 1.21 -8.18 -18.07
N ALA B 124 -0.09 -7.84 -18.04
CA ALA B 124 -0.99 -8.35 -17.01
C ALA B 124 -1.17 -9.86 -17.05
N GLY B 125 -1.05 -10.48 -18.22
CA GLY B 125 -1.24 -11.91 -18.32
C GLY B 125 -0.03 -12.77 -18.07
N CYS B 126 1.07 -12.20 -17.60
CA CYS B 126 2.20 -13.01 -17.19
C CYS B 126 1.84 -13.84 -15.96
N VAL B 127 2.08 -15.15 -16.02
CA VAL B 127 1.74 -16.02 -14.90
C VAL B 127 2.75 -15.78 -13.78
N LEU B 128 2.26 -15.78 -12.54
CA LEU B 128 3.09 -15.39 -11.39
C LEU B 128 4.31 -16.28 -11.20
N GLU B 129 4.15 -17.60 -11.32
CA GLU B 129 5.30 -18.49 -11.14
C GLU B 129 6.40 -18.25 -12.18
N GLU B 130 6.02 -18.02 -13.43
CA GLU B 130 7.03 -17.72 -14.45
C GLU B 130 7.68 -16.36 -14.20
N LEU B 131 6.92 -15.40 -13.67
CA LEU B 131 7.53 -14.14 -13.24
C LEU B 131 8.49 -14.36 -12.08
N SER B 132 8.11 -15.23 -11.13
CA SER B 132 8.99 -15.58 -10.03
C SER B 132 10.30 -16.19 -10.53
N ARG B 133 10.21 -17.12 -11.49
CA ARG B 133 11.40 -17.72 -12.08
C ARG B 133 12.24 -16.70 -12.83
N TYR B 134 11.59 -15.74 -13.49
CA TYR B 134 12.34 -14.69 -14.18
C TYR B 134 13.17 -13.86 -13.20
N VAL B 135 12.52 -13.33 -12.16
CA VAL B 135 13.23 -12.46 -11.21
C VAL B 135 14.19 -13.25 -10.30
N GLU B 136 13.85 -14.49 -9.93
CA GLU B 136 14.78 -15.27 -9.12
C GLU B 136 16.04 -15.66 -9.88
N GLU B 137 15.95 -15.82 -11.20
CA GLU B 137 17.16 -15.93 -12.00
C GLU B 137 18.03 -14.68 -11.85
N ARG B 138 17.42 -13.53 -11.57
CA ARG B 138 18.17 -12.30 -11.36
C ARG B 138 18.31 -11.96 -9.88
N ASP B 139 18.10 -12.94 -9.00
CA ASP B 139 18.26 -12.78 -7.54
C ASP B 139 17.27 -11.81 -6.90
N PHE B 140 16.03 -11.81 -7.39
CA PHE B 140 14.94 -11.11 -6.73
C PHE B 140 13.78 -12.09 -6.61
N ILE B 141 12.74 -11.71 -5.87
CA ILE B 141 11.56 -12.54 -5.76
C ILE B 141 10.33 -11.69 -5.95
N MET B 142 9.23 -12.35 -6.29
CA MET B 142 7.96 -11.64 -6.33
C MET B 142 7.53 -11.32 -4.90
N PRO B 143 6.88 -10.17 -4.69
CA PRO B 143 6.42 -9.81 -3.34
C PRO B 143 5.24 -10.63 -2.84
N LEU B 144 4.61 -11.45 -3.66
CA LEU B 144 3.52 -12.29 -3.20
C LEU B 144 3.69 -13.68 -3.80
N ASP B 145 3.21 -14.69 -3.07
CA ASP B 145 3.13 -16.02 -3.63
C ASP B 145 1.88 -16.72 -3.12
N LEU B 146 1.27 -17.53 -3.98
CA LEU B 146 0.03 -18.22 -3.69
C LEU B 146 0.12 -19.62 -4.25
N GLY B 147 -0.71 -20.52 -3.71
CA GLY B 147 -0.82 -21.85 -4.27
C GLY B 147 -1.26 -21.88 -5.73
N ALA B 148 -1.98 -20.85 -6.19
CA ALA B 148 -2.36 -20.76 -7.59
C ALA B 148 -1.26 -20.18 -8.48
N LYS B 149 -0.03 -20.05 -7.98
CA LYS B 149 1.04 -19.37 -8.71
C LYS B 149 1.23 -19.91 -10.12
N GLY B 150 1.03 -21.21 -10.32
CA GLY B 150 1.19 -21.83 -11.62
C GLY B 150 0.21 -21.40 -12.69
N SER B 151 -0.93 -20.83 -12.30
CA SER B 151 -1.92 -20.44 -13.30
C SER B 151 -2.36 -18.99 -13.21
N CYS B 152 -2.34 -18.41 -12.01
CA CYS B 152 -2.86 -17.06 -11.85
C CYS B 152 -1.95 -16.04 -12.53
N HIS B 153 -2.56 -15.00 -13.09
CA HIS B 153 -1.86 -13.94 -13.80
C HIS B 153 -1.64 -12.77 -12.85
N ILE B 154 -0.56 -12.02 -13.09
CA ILE B 154 -0.28 -10.85 -12.25
C ILE B 154 -1.40 -9.81 -12.37
N GLY B 155 -2.00 -9.67 -13.55
CA GLY B 155 -3.13 -8.78 -13.68
C GLY B 155 -4.30 -9.20 -12.82
N GLY B 156 -4.58 -10.50 -12.79
CA GLY B 156 -5.59 -11.02 -11.87
C GLY B 156 -5.23 -10.80 -10.42
N ASN B 157 -3.95 -11.01 -10.09
CA ASN B 157 -3.49 -10.77 -8.72
C ASN B 157 -3.70 -9.33 -8.30
N VAL B 158 -3.39 -8.37 -9.17
CA VAL B 158 -3.62 -6.96 -8.84
C VAL B 158 -5.11 -6.67 -8.80
N ALA B 159 -5.86 -7.21 -9.77
CA ALA B 159 -7.30 -6.97 -9.83
C ALA B 159 -8.01 -7.51 -8.58
N THR B 160 -7.56 -8.64 -8.05
CA THR B 160 -8.14 -9.20 -6.84
C THR B 160 -7.44 -8.76 -5.55
N ASN B 161 -6.36 -7.99 -5.63
CA ASN B 161 -5.53 -7.65 -4.47
C ASN B 161 -5.16 -8.91 -3.68
N ALA B 162 -4.54 -9.85 -4.39
CA ALA B 162 -4.20 -11.15 -3.82
C ALA B 162 -3.25 -11.01 -2.63
N GLY B 163 -3.55 -11.74 -1.56
CA GLY B 163 -2.71 -11.74 -0.39
C GLY B 163 -1.57 -12.73 -0.56
N GLY B 164 -1.74 -13.94 -0.05
CA GLY B 164 -0.79 -15.00 -0.28
C GLY B 164 0.09 -15.32 0.92
N LEU B 165 1.10 -16.13 0.65
CA LEU B 165 1.88 -16.82 1.67
C LEU B 165 3.03 -16.00 2.22
N ARG B 166 3.41 -14.90 1.57
CA ARG B 166 4.47 -14.03 2.08
C ARG B 166 3.95 -12.63 2.41
N PHE B 167 2.62 -12.49 2.51
CA PHE B 167 2.01 -11.21 2.85
C PHE B 167 2.52 -10.71 4.19
N LEU B 168 2.68 -11.62 5.15
CA LEU B 168 3.23 -11.29 6.47
C LEU B 168 4.55 -10.54 6.39
N ARG B 169 5.38 -10.85 5.39
CA ARG B 169 6.70 -10.23 5.24
C ARG B 169 6.70 -9.00 4.35
N TYR B 170 6.07 -9.09 3.17
CA TYR B 170 6.15 -8.04 2.16
C TYR B 170 4.89 -7.19 2.01
N GLY B 171 3.79 -7.53 2.66
CA GLY B 171 2.60 -6.70 2.70
C GLY B 171 1.77 -6.70 1.42
N SER B 172 0.87 -5.73 1.35
CA SER B 172 -0.15 -5.66 0.29
C SER B 172 0.41 -5.19 -1.05
N LEU B 173 -0.30 -5.56 -2.11
CA LEU B 173 -0.07 -5.02 -3.44
C LEU B 173 -0.37 -3.52 -3.52
N HIS B 174 -1.24 -3.02 -2.65
CA HIS B 174 -1.46 -1.58 -2.52
C HIS B 174 -0.17 -0.82 -2.22
N GLY B 175 0.79 -1.47 -1.58
CA GLY B 175 2.09 -0.89 -1.32
C GLY B 175 3.14 -1.24 -2.34
N THR B 176 3.04 -2.43 -2.92
CA THR B 176 4.08 -2.93 -3.80
C THR B 176 3.84 -2.64 -5.28
N VAL B 177 2.60 -2.39 -5.69
CA VAL B 177 2.37 -1.95 -7.07
C VAL B 177 2.83 -0.50 -7.18
N LEU B 178 3.80 -0.25 -8.06
CA LEU B 178 4.30 1.09 -8.29
C LEU B 178 3.58 1.82 -9.43
N GLY B 179 2.95 1.08 -10.34
CA GLY B 179 2.22 1.70 -11.42
C GLY B 179 1.43 0.67 -12.20
N LEU B 180 0.39 1.16 -12.87
CA LEU B 180 -0.48 0.32 -13.69
C LEU B 180 -0.82 1.03 -15.00
N GLU B 181 -0.88 0.26 -16.08
CA GLU B 181 -1.57 0.68 -17.29
C GLU B 181 -2.93 -0.01 -17.26
N VAL B 182 -3.99 0.78 -17.43
CA VAL B 182 -5.35 0.27 -17.34
C VAL B 182 -6.17 0.77 -18.52
N VAL B 183 -6.94 -0.11 -19.12
CA VAL B 183 -7.88 0.25 -20.17
C VAL B 183 -9.28 0.33 -19.56
N LEU B 184 -9.90 1.50 -19.69
CA LEU B 184 -11.21 1.73 -19.14
C LEU B 184 -12.29 1.19 -20.08
N ALA B 185 -13.54 1.20 -19.59
CA ALA B 185 -14.64 0.59 -20.32
C ALA B 185 -14.82 1.18 -21.72
N ASP B 186 -14.61 2.48 -21.88
CA ASP B 186 -14.75 3.06 -23.21
C ASP B 186 -13.49 2.91 -24.08
N GLY B 187 -12.44 2.27 -23.57
CA GLY B 187 -11.21 2.06 -24.30
C GLY B 187 -10.09 3.05 -24.06
N THR B 188 -10.29 4.09 -23.25
CA THR B 188 -9.19 5.01 -22.97
C THR B 188 -8.13 4.28 -22.18
N VAL B 189 -6.90 4.26 -22.69
CA VAL B 189 -5.78 3.63 -21.99
C VAL B 189 -5.26 4.64 -20.96
N LEU B 190 -5.52 4.37 -19.70
CA LEU B 190 -5.04 5.20 -18.60
C LEU B 190 -3.64 4.76 -18.21
N ASP B 191 -2.66 5.62 -18.48
CA ASP B 191 -1.25 5.35 -18.19
C ASP B 191 -0.93 5.91 -16.81
N CYS B 192 -0.97 5.05 -15.81
CA CYS B 192 -0.48 5.35 -14.47
C CYS B 192 0.72 4.47 -14.15
N LEU B 193 1.47 4.12 -15.21
CA LEU B 193 2.58 3.18 -15.12
C LEU B 193 3.87 3.90 -14.72
N THR B 194 3.85 4.45 -13.51
CA THR B 194 5.03 5.03 -12.91
C THR B 194 5.89 3.88 -12.38
N SER B 195 7.16 3.86 -12.76
CA SER B 195 8.07 2.84 -12.25
C SER B 195 9.03 3.49 -11.26
N LEU B 196 8.45 4.21 -10.30
CA LEU B 196 9.17 4.94 -9.29
C LEU B 196 8.69 4.48 -7.91
N ARG B 197 9.63 4.36 -6.97
CA ARG B 197 9.28 3.95 -5.62
C ARG B 197 8.41 5.00 -4.92
N LYS B 198 8.67 6.28 -5.18
CA LYS B 198 7.92 7.35 -4.55
C LYS B 198 7.51 8.37 -5.60
N ASP B 199 6.26 8.79 -5.54
CA ASP B 199 5.68 9.72 -6.51
C ASP B 199 4.35 10.24 -5.99
N ASN B 200 4.36 11.43 -5.41
CA ASN B 200 3.14 12.08 -4.92
C ASN B 200 2.76 13.25 -5.82
N THR B 201 2.44 12.95 -7.08
CA THR B 201 2.04 13.96 -8.05
C THR B 201 0.58 13.72 -8.44
N GLY B 202 -0.31 14.01 -7.50
CA GLY B 202 -1.73 13.85 -7.69
C GLY B 202 -2.25 12.60 -7.00
N TYR B 203 -3.50 12.27 -7.31
CA TYR B 203 -4.13 11.13 -6.66
C TYR B 203 -3.49 9.83 -7.13
N ASP B 204 -3.40 8.86 -6.23
CA ASP B 204 -2.82 7.56 -6.54
C ASP B 204 -3.91 6.73 -7.22
N LEU B 205 -4.13 7.05 -8.49
CA LEU B 205 -5.27 6.48 -9.23
C LEU B 205 -5.18 4.96 -9.37
N LYS B 206 -3.96 4.43 -9.52
CA LYS B 206 -3.79 2.97 -9.65
C LYS B 206 -4.37 2.18 -8.48
N GLN B 207 -4.42 2.76 -7.28
CA GLN B 207 -4.95 2.04 -6.12
C GLN B 207 -6.41 1.66 -6.28
N LEU B 208 -7.18 2.46 -7.02
CA LEU B 208 -8.57 2.11 -7.32
C LEU B 208 -8.69 0.76 -8.01
N PHE B 209 -7.73 0.42 -8.85
CA PHE B 209 -7.82 -0.78 -9.68
C PHE B 209 -7.18 -1.98 -9.00
N ILE B 210 -6.50 -1.78 -7.87
CA ILE B 210 -5.98 -2.87 -7.06
C ILE B 210 -7.12 -3.35 -6.17
N GLY B 211 -7.60 -4.56 -6.44
CA GLY B 211 -8.73 -5.11 -5.73
C GLY B 211 -10.10 -4.81 -6.32
N SER B 212 -10.16 -4.13 -7.48
CA SER B 212 -11.44 -3.83 -8.13
C SER B 212 -11.99 -4.96 -9.00
N GLU B 213 -11.19 -5.98 -9.30
CA GLU B 213 -11.67 -7.20 -9.93
C GLU B 213 -12.32 -6.96 -11.30
N GLY B 214 -11.70 -6.07 -12.09
CA GLY B 214 -12.19 -5.78 -13.43
C GLY B 214 -13.51 -5.07 -13.55
N THR B 215 -14.00 -4.42 -12.49
CA THR B 215 -15.24 -3.67 -12.60
C THR B 215 -15.03 -2.20 -12.94
N LEU B 216 -13.81 -1.69 -12.75
CA LEU B 216 -13.47 -0.31 -13.07
C LEU B 216 -12.53 -0.17 -14.26
N GLY B 217 -11.97 -1.26 -14.76
CA GLY B 217 -11.06 -1.21 -15.87
C GLY B 217 -10.22 -2.46 -15.95
N ILE B 218 -9.69 -2.72 -17.14
CA ILE B 218 -8.88 -3.90 -17.40
C ILE B 218 -7.41 -3.52 -17.30
N ILE B 219 -6.70 -4.20 -16.41
CA ILE B 219 -5.28 -3.97 -16.21
C ILE B 219 -4.52 -4.66 -17.33
N THR B 220 -3.65 -3.92 -18.01
CA THR B 220 -2.88 -4.46 -19.14
C THR B 220 -1.40 -4.55 -18.88
N THR B 221 -0.83 -3.65 -18.10
CA THR B 221 0.58 -3.70 -17.73
C THR B 221 0.69 -3.39 -16.25
N VAL B 222 1.61 -4.06 -15.58
CA VAL B 222 1.80 -3.92 -14.14
C VAL B 222 3.27 -3.62 -13.87
N SER B 223 3.51 -2.66 -12.99
CA SER B 223 4.83 -2.32 -12.46
C SER B 223 4.87 -2.71 -11.00
N ILE B 224 5.84 -3.55 -10.63
CA ILE B 224 5.88 -4.18 -9.31
C ILE B 224 7.27 -4.11 -8.71
N LEU B 225 7.31 -3.88 -7.40
CA LEU B 225 8.54 -3.79 -6.64
C LEU B 225 8.91 -5.20 -6.21
N CYS B 226 10.05 -5.70 -6.69
CA CYS B 226 10.46 -7.05 -6.34
C CYS B 226 11.43 -7.00 -5.18
N PRO B 227 11.13 -7.64 -4.05
CA PRO B 227 12.11 -7.70 -2.97
C PRO B 227 13.33 -8.48 -3.43
N PRO B 228 14.49 -8.22 -2.82
CA PRO B 228 15.67 -9.03 -3.15
C PRO B 228 15.49 -10.49 -2.72
N LYS B 229 16.13 -11.38 -3.46
CA LYS B 229 16.01 -12.80 -3.16
C LYS B 229 16.80 -13.06 -1.88
N PRO B 230 16.21 -13.63 -0.85
CA PRO B 230 16.93 -13.82 0.41
C PRO B 230 18.08 -14.81 0.28
N ARG B 231 19.18 -14.47 0.95
CA ARG B 231 20.36 -15.34 0.94
C ARG B 231 20.08 -16.65 1.68
N ALA B 232 19.29 -16.61 2.75
CA ALA B 232 18.97 -17.77 3.55
C ALA B 232 17.46 -17.91 3.71
N VAL B 233 16.91 -19.06 3.32
CA VAL B 233 15.51 -19.36 3.59
C VAL B 233 15.45 -20.62 4.44
N ASN B 234 14.75 -20.55 5.57
CA ASN B 234 14.45 -21.70 6.40
C ASN B 234 12.95 -21.85 6.53
N VAL B 235 12.49 -23.10 6.67
CA VAL B 235 11.11 -23.39 7.00
C VAL B 235 11.06 -24.40 8.14
N ALA B 236 10.28 -24.10 9.18
CA ALA B 236 10.00 -25.03 10.26
C ALA B 236 8.53 -25.45 10.23
N PHE B 237 8.30 -26.75 10.34
CA PHE B 237 6.96 -27.33 10.39
C PHE B 237 6.74 -28.00 11.75
N LEU B 238 5.75 -27.51 12.48
CA LEU B 238 5.56 -27.84 13.89
C LEU B 238 4.16 -28.40 14.13
N GLY B 239 4.06 -29.32 15.09
CA GLY B 239 2.79 -29.81 15.57
C GLY B 239 2.49 -29.22 16.94
N CYS B 240 1.28 -28.68 17.08
CA CYS B 240 0.87 -28.08 18.35
C CYS B 240 -0.26 -28.86 19.00
N PRO B 241 -0.27 -28.97 20.33
CA PRO B 241 -1.31 -29.76 21.00
C PRO B 241 -2.65 -29.04 21.11
N GLY B 242 -2.70 -27.76 20.78
CA GLY B 242 -3.96 -27.03 20.80
C GLY B 242 -3.78 -25.68 20.15
N PHE B 243 -4.90 -25.02 19.88
CA PHE B 243 -4.86 -23.72 19.22
C PHE B 243 -4.28 -22.63 20.12
N ALA B 244 -4.48 -22.75 21.44
CA ALA B 244 -3.82 -21.84 22.36
C ALA B 244 -2.31 -21.89 22.21
N GLU B 245 -1.75 -23.09 22.04
CA GLU B 245 -0.32 -23.21 21.83
C GLU B 245 0.11 -22.65 20.47
N VAL B 246 -0.76 -22.77 19.46
CA VAL B 246 -0.49 -22.16 18.15
C VAL B 246 -0.40 -20.64 18.27
N LEU B 247 -1.32 -20.02 19.00
CA LEU B 247 -1.28 -18.57 19.16
C LEU B 247 -0.05 -18.09 19.92
N GLN B 248 0.29 -18.77 21.02
CA GLN B 248 1.50 -18.40 21.76
C GLN B 248 2.76 -18.76 20.98
N THR B 249 2.70 -19.81 20.16
CA THR B 249 3.81 -20.10 19.26
C THR B 249 4.03 -18.94 18.29
N PHE B 250 2.95 -18.39 17.76
CA PHE B 250 3.06 -17.22 16.88
C PHE B 250 3.64 -16.02 17.62
N SER B 251 3.18 -15.78 18.84
CA SER B 251 3.73 -14.67 19.64
C SER B 251 5.21 -14.89 19.91
N THR B 252 5.58 -16.10 20.33
CA THR B 252 6.99 -16.41 20.51
C THR B 252 7.75 -16.33 19.20
N CYS B 253 7.13 -16.74 18.09
CA CYS B 253 7.75 -16.65 16.77
C CYS B 253 8.13 -15.21 16.42
N LYS B 254 7.21 -14.27 16.62
CA LYS B 254 7.54 -12.87 16.36
C LYS B 254 8.62 -12.34 17.30
N GLY B 255 8.56 -12.74 18.57
CA GLY B 255 9.55 -12.26 19.53
C GLY B 255 10.96 -12.78 19.31
N MET B 256 11.10 -14.00 18.80
CA MET B 256 12.42 -14.61 18.70
C MET B 256 12.99 -14.60 17.29
N LEU B 257 12.15 -14.63 16.25
CA LEU B 257 12.62 -14.54 14.87
C LEU B 257 12.52 -13.12 14.32
N GLY B 258 11.47 -12.39 14.68
CA GLY B 258 11.38 -10.99 14.32
C GLY B 258 11.36 -10.70 12.83
N GLU B 259 12.28 -9.83 12.41
CA GLU B 259 12.31 -9.37 11.02
C GLU B 259 12.62 -10.47 10.00
N ILE B 260 13.21 -11.59 10.41
CA ILE B 260 13.45 -12.65 9.43
C ILE B 260 12.21 -13.48 9.12
N LEU B 261 11.18 -13.41 9.98
CA LEU B 261 9.94 -14.15 9.71
C LEU B 261 9.33 -13.70 8.39
N SER B 262 9.10 -14.66 7.49
CA SER B 262 8.49 -14.39 6.20
C SER B 262 7.17 -15.10 5.96
N ALA B 263 6.79 -16.07 6.80
CA ALA B 263 5.49 -16.70 6.67
C ALA B 263 5.16 -17.41 7.98
N PHE B 264 3.86 -17.41 8.31
CA PHE B 264 3.33 -18.22 9.41
C PHE B 264 1.96 -18.72 8.97
N GLU B 265 1.88 -20.02 8.68
CA GLU B 265 0.64 -20.64 8.26
C GLU B 265 0.25 -21.71 9.27
N PHE B 266 -1.05 -21.93 9.44
CA PHE B 266 -1.53 -23.04 10.25
C PHE B 266 -2.55 -23.89 9.49
N MET B 267 -2.70 -25.12 9.96
CA MET B 267 -3.66 -26.07 9.42
C MET B 267 -3.98 -27.08 10.52
N ASP B 268 -5.23 -27.51 10.60
CA ASP B 268 -5.63 -28.46 11.61
C ASP B 268 -5.33 -29.91 11.20
N ALA B 269 -5.65 -30.84 12.09
CA ALA B 269 -5.38 -32.26 11.83
C ALA B 269 -6.15 -32.80 10.63
N VAL B 270 -7.40 -32.39 10.46
CA VAL B 270 -8.20 -32.91 9.35
C VAL B 270 -7.63 -32.45 8.01
N CYS B 271 -7.11 -31.21 7.96
CA CYS B 271 -6.41 -30.75 6.76
C CYS B 271 -5.25 -31.68 6.42
N MET B 272 -4.45 -32.02 7.42
CA MET B 272 -3.33 -32.93 7.20
C MET B 272 -3.81 -34.29 6.72
N GLN B 273 -4.92 -34.79 7.26
CA GLN B 273 -5.48 -36.06 6.84
C GLN B 273 -5.93 -36.02 5.39
N LEU B 274 -6.60 -34.96 4.98
CA LEU B 274 -7.09 -34.85 3.60
C LEU B 274 -5.94 -34.77 2.60
N VAL B 275 -4.93 -33.95 2.89
CA VAL B 275 -3.75 -33.89 2.03
C VAL B 275 -2.98 -35.20 2.03
N GLY B 276 -3.00 -35.94 3.14
CA GLY B 276 -2.43 -37.27 3.15
C GLY B 276 -3.22 -38.28 2.33
N ARG B 277 -4.56 -38.19 2.40
CA ARG B 277 -5.42 -39.15 1.73
C ARG B 277 -5.44 -38.94 0.22
N HIS B 278 -5.76 -37.72 -0.21
CA HIS B 278 -5.96 -37.42 -1.62
C HIS B 278 -4.67 -37.15 -2.37
N LEU B 279 -3.62 -36.68 -1.68
CA LEU B 279 -2.37 -36.33 -2.35
C LEU B 279 -1.21 -37.22 -1.94
N HIS B 280 -1.43 -38.18 -1.02
CA HIS B 280 -0.42 -39.19 -0.67
C HIS B 280 0.87 -38.54 -0.18
N LEU B 281 0.72 -37.51 0.64
CA LEU B 281 1.82 -36.78 1.27
C LEU B 281 1.87 -37.18 2.74
N ALA B 282 2.92 -37.91 3.12
CA ALA B 282 3.05 -38.38 4.50
C ALA B 282 3.37 -37.21 5.40
N SER B 283 2.80 -37.23 6.60
CA SER B 283 3.06 -36.17 7.57
C SER B 283 4.47 -36.27 8.13
N PRO B 284 5.23 -35.18 8.16
CA PRO B 284 6.59 -35.21 8.68
C PRO B 284 6.69 -35.08 10.19
N VAL B 285 5.57 -34.86 10.89
CA VAL B 285 5.57 -34.68 12.32
C VAL B 285 4.62 -35.68 12.98
N GLN B 286 4.65 -35.67 14.31
CA GLN B 286 3.74 -36.49 15.10
C GLN B 286 2.31 -36.03 14.86
N GLU B 287 1.35 -36.95 15.02
CA GLU B 287 -0.04 -36.60 14.76
C GLU B 287 -0.46 -35.60 15.81
N SER B 288 -0.97 -34.45 15.36
CA SER B 288 -1.31 -33.37 16.25
C SER B 288 -2.63 -32.74 15.80
N PRO B 289 -3.35 -32.08 16.70
CA PRO B 289 -4.56 -31.37 16.28
C PRO B 289 -4.31 -30.20 15.34
N PHE B 290 -3.18 -29.51 15.50
CA PHE B 290 -2.82 -28.38 14.64
C PHE B 290 -1.39 -28.52 14.15
N TYR B 291 -1.15 -27.96 12.97
CA TYR B 291 0.19 -27.89 12.41
C TYR B 291 0.48 -26.43 12.05
N VAL B 292 1.75 -26.06 12.12
CA VAL B 292 2.19 -24.69 11.83
C VAL B 292 3.36 -24.74 10.86
N LEU B 293 3.31 -23.89 9.84
CA LEU B 293 4.41 -23.71 8.91
C LEU B 293 4.98 -22.31 9.06
N ILE B 294 6.24 -22.24 9.47
CA ILE B 294 6.97 -21.00 9.62
C ILE B 294 8.03 -20.96 8.53
N GLU B 295 8.15 -19.82 7.86
CA GLU B 295 9.24 -19.59 6.92
C GLU B 295 10.04 -18.39 7.37
N THR B 296 11.36 -18.45 7.22
CA THR B 296 12.21 -17.31 7.44
C THR B 296 13.05 -17.02 6.21
N SER B 297 13.26 -15.72 5.97
CA SER B 297 14.07 -15.23 4.85
C SER B 297 15.01 -14.18 5.43
N GLY B 298 16.31 -14.35 5.19
CA GLY B 298 17.25 -13.39 5.71
C GLY B 298 18.56 -13.39 4.95
N SER B 299 19.43 -12.47 5.35
CA SER B 299 20.69 -12.26 4.66
C SER B 299 21.86 -13.06 5.24
N ASN B 300 21.80 -13.46 6.52
CA ASN B 300 22.85 -14.25 7.13
C ASN B 300 22.29 -15.60 7.54
N ALA B 301 22.75 -16.67 6.87
CA ALA B 301 22.28 -18.02 7.18
C ALA B 301 22.63 -18.41 8.61
N GLY B 302 23.83 -18.06 9.06
CA GLY B 302 24.23 -18.37 10.42
C GLY B 302 23.35 -17.72 11.48
N HIS B 303 23.02 -16.45 11.28
CA HIS B 303 22.18 -15.75 12.24
C HIS B 303 20.75 -16.28 12.23
N ASP B 304 20.21 -16.57 11.05
CA ASP B 304 18.87 -17.13 10.95
C ASP B 304 18.79 -18.51 11.59
N ALA B 305 19.85 -19.31 11.44
CA ALA B 305 19.91 -20.62 12.09
C ALA B 305 19.91 -20.49 13.61
N GLU B 306 20.64 -19.50 14.15
CA GLU B 306 20.64 -19.28 15.59
C GLU B 306 19.26 -18.86 16.10
N LYS B 307 18.62 -17.89 15.44
CA LYS B 307 17.27 -17.48 15.82
C LYS B 307 16.30 -18.67 15.83
N LEU B 308 16.29 -19.46 14.75
CA LEU B 308 15.33 -20.55 14.68
C LEU B 308 15.66 -21.65 15.68
N GLY B 309 16.95 -21.95 15.86
CA GLY B 309 17.34 -22.94 16.86
C GLY B 309 16.90 -22.55 18.25
N HIS B 310 17.18 -21.31 18.65
CA HIS B 310 16.78 -20.85 19.99
C HIS B 310 15.26 -20.73 20.09
N PHE B 311 14.60 -20.33 18.99
CA PHE B 311 13.14 -20.31 18.97
C PHE B 311 12.58 -21.71 19.20
N LEU B 312 13.10 -22.68 18.45
CA LEU B 312 12.66 -24.06 18.58
C LEU B 312 12.94 -24.62 19.96
N GLU B 313 14.13 -24.34 20.51
CA GLU B 313 14.47 -24.80 21.86
C GLU B 313 13.46 -24.31 22.89
N HIS B 314 13.08 -23.04 22.82
CA HIS B 314 12.10 -22.49 23.75
C HIS B 314 10.68 -23.01 23.49
N ALA B 315 10.27 -23.15 22.23
CA ALA B 315 8.94 -23.67 21.94
C ALA B 315 8.73 -25.10 22.44
N LEU B 316 9.67 -26.01 22.15
CA LEU B 316 9.53 -27.37 22.69
C LEU B 316 9.70 -27.39 24.20
N GLY B 317 10.61 -26.56 24.73
CA GLY B 317 10.83 -26.54 26.17
C GLY B 317 9.63 -26.06 26.95
N SER B 318 8.95 -25.03 26.45
CA SER B 318 7.78 -24.49 27.15
C SER B 318 6.48 -25.18 26.75
N GLY B 319 6.54 -26.24 25.94
CA GLY B 319 5.37 -27.04 25.65
C GLY B 319 4.45 -26.47 24.58
N LEU B 320 4.88 -25.44 23.86
CA LEU B 320 4.04 -24.90 22.80
C LEU B 320 4.01 -25.81 21.58
N VAL B 321 5.11 -26.51 21.32
CA VAL B 321 5.23 -27.42 20.19
C VAL B 321 5.51 -28.83 20.72
N THR B 322 4.75 -29.80 20.23
CA THR B 322 4.94 -31.20 20.63
C THR B 322 6.05 -31.85 19.82
N ASP B 323 6.00 -31.68 18.50
CA ASP B 323 7.04 -32.19 17.61
C ASP B 323 7.20 -31.20 16.46
N GLY B 324 8.41 -31.13 15.93
CA GLY B 324 8.71 -30.25 14.82
C GLY B 324 9.86 -30.76 13.99
N THR B 325 9.95 -30.23 12.77
CA THR B 325 11.07 -30.50 11.89
C THR B 325 11.44 -29.23 11.15
N MET B 326 12.67 -29.20 10.65
CA MET B 326 13.13 -28.03 9.92
C MET B 326 13.83 -28.47 8.63
N ALA B 327 13.95 -27.54 7.69
CA ALA B 327 14.59 -27.85 6.43
C ALA B 327 15.17 -26.59 5.81
N THR B 328 16.34 -26.76 5.21
CA THR B 328 16.96 -25.76 4.36
C THR B 328 17.13 -26.22 2.92
N ASP B 329 17.28 -27.53 2.69
CA ASP B 329 17.39 -28.07 1.33
C ASP B 329 16.15 -27.73 0.53
N GLN B 330 16.37 -27.16 -0.66
CA GLN B 330 15.29 -26.69 -1.53
C GLN B 330 14.23 -27.74 -1.82
N ARG B 331 14.63 -29.00 -2.03
CA ARG B 331 13.64 -30.05 -2.28
C ARG B 331 12.74 -30.29 -1.07
N LYS B 332 13.35 -30.43 0.11
CA LYS B 332 12.60 -30.65 1.34
C LYS B 332 11.76 -29.43 1.74
N VAL B 333 12.31 -28.22 1.58
CA VAL B 333 11.57 -26.99 1.90
C VAL B 333 10.27 -26.92 1.10
N LYS B 334 10.33 -27.20 -0.20
CA LYS B 334 9.15 -27.19 -1.05
C LYS B 334 8.13 -28.26 -0.64
N MET B 335 8.59 -29.44 -0.25
CA MET B 335 7.69 -30.50 0.19
C MET B 335 6.90 -30.10 1.45
N LEU B 336 7.52 -29.39 2.38
CA LEU B 336 6.78 -28.91 3.54
C LEU B 336 5.75 -27.86 3.12
N TRP B 337 6.14 -26.93 2.24
CA TRP B 337 5.20 -25.96 1.70
C TRP B 337 4.05 -26.63 0.97
N ALA B 338 4.33 -27.72 0.25
CA ALA B 338 3.27 -28.44 -0.46
C ALA B 338 2.14 -28.88 0.47
N LEU B 339 2.45 -29.21 1.73
CA LEU B 339 1.42 -29.64 2.67
C LEU B 339 0.39 -28.54 2.92
N ARG B 340 0.80 -27.28 2.84
CA ARG B 340 -0.09 -26.14 3.00
C ARG B 340 -0.70 -25.72 1.67
N GLU B 341 0.14 -25.51 0.64
CA GLU B 341 -0.35 -24.95 -0.62
C GLU B 341 -1.39 -25.84 -1.29
N ARG B 342 -1.29 -27.16 -1.14
CA ARG B 342 -2.19 -28.08 -1.83
C ARG B 342 -3.42 -28.44 -1.00
N ILE B 343 -3.63 -27.78 0.15
CA ILE B 343 -4.83 -28.02 0.95
C ILE B 343 -6.08 -27.69 0.15
N THR B 344 -6.04 -26.57 -0.56
CA THR B 344 -7.19 -26.15 -1.37
C THR B 344 -7.58 -27.19 -2.40
N GLU B 345 -6.59 -27.82 -3.04
CA GLU B 345 -6.90 -28.87 -4.01
C GLU B 345 -7.59 -30.08 -3.38
N ALA B 346 -7.05 -30.58 -2.27
CA ALA B 346 -7.64 -31.76 -1.63
C ALA B 346 -9.08 -31.55 -1.14
N LEU B 347 -9.44 -30.34 -0.70
CA LEU B 347 -10.84 -30.10 -0.30
C LEU B 347 -11.83 -30.17 -1.47
N SER B 348 -11.51 -29.53 -2.59
CA SER B 348 -12.43 -29.55 -3.72
C SER B 348 -12.55 -30.93 -4.35
N ARG B 349 -11.50 -31.73 -4.26
CA ARG B 349 -11.54 -33.12 -4.69
C ARG B 349 -12.28 -34.02 -3.71
N ASP B 350 -12.45 -33.55 -2.47
CA ASP B 350 -13.14 -34.30 -1.42
C ASP B 350 -14.65 -34.26 -1.58
N GLY B 351 -15.15 -33.32 -2.35
CA GLY B 351 -16.57 -33.20 -2.63
C GLY B 351 -16.92 -31.75 -2.87
N TYR B 352 -18.16 -31.40 -2.59
CA TYR B 352 -18.60 -30.03 -2.70
C TYR B 352 -18.04 -29.24 -1.52
N VAL B 353 -17.43 -28.09 -1.82
CA VAL B 353 -16.72 -27.27 -0.84
C VAL B 353 -17.58 -26.05 -0.56
N TYR B 354 -17.89 -25.85 0.72
CA TYR B 354 -18.49 -24.60 1.17
C TYR B 354 -17.33 -23.75 1.67
N LYS B 355 -17.05 -22.64 0.99
CA LYS B 355 -15.84 -21.88 1.22
C LYS B 355 -16.13 -20.52 1.87
N TYR B 356 -15.36 -20.19 2.91
CA TYR B 356 -15.47 -18.93 3.61
C TYR B 356 -14.07 -18.41 3.91
N ASP B 357 -13.82 -17.15 3.55
CA ASP B 357 -12.49 -16.53 3.63
C ASP B 357 -12.64 -15.31 4.53
N LEU B 358 -12.20 -15.44 5.79
CA LEU B 358 -12.55 -14.50 6.83
C LEU B 358 -11.33 -13.88 7.48
N SER B 359 -11.42 -12.59 7.79
CA SER B 359 -10.49 -11.90 8.68
C SER B 359 -11.16 -11.79 10.04
N LEU B 360 -10.49 -12.27 11.07
CA LEU B 360 -11.05 -12.27 12.40
C LEU B 360 -9.99 -11.88 13.43
N PRO B 361 -10.37 -11.56 14.66
CA PRO B 361 -9.34 -11.40 15.71
C PRO B 361 -8.58 -12.72 15.87
N VAL B 362 -7.26 -12.63 15.82
CA VAL B 362 -6.40 -13.82 15.81
C VAL B 362 -6.71 -14.73 16.98
N GLU B 363 -7.04 -14.16 18.14
CA GLU B 363 -7.41 -14.97 19.31
C GLU B 363 -8.67 -15.78 19.07
N ARG B 364 -9.59 -15.30 18.22
CA ARG B 364 -10.86 -15.99 17.96
C ARG B 364 -10.90 -16.66 16.59
N LEU B 365 -9.73 -16.89 15.98
CA LEU B 365 -9.68 -17.29 14.57
C LEU B 365 -10.28 -18.67 14.33
N TYR B 366 -10.02 -19.62 15.24
CA TYR B 366 -10.48 -20.99 15.06
C TYR B 366 -11.84 -21.28 15.73
N ASP B 367 -12.41 -20.34 16.48
CA ASP B 367 -13.66 -20.60 17.21
C ASP B 367 -14.80 -21.01 16.26
N ILE B 368 -14.87 -20.42 15.08
CA ILE B 368 -15.93 -20.78 14.14
C ILE B 368 -15.80 -22.22 13.63
N VAL B 369 -14.59 -22.77 13.59
CA VAL B 369 -14.43 -24.15 13.12
C VAL B 369 -14.97 -25.14 14.13
N THR B 370 -14.64 -24.96 15.41
CA THR B 370 -15.22 -25.79 16.46
C THR B 370 -16.73 -25.66 16.51
N ASP B 371 -17.24 -24.43 16.35
CA ASP B 371 -18.69 -24.22 16.36
C ASP B 371 -19.38 -24.94 15.21
N LEU B 372 -18.86 -24.77 13.98
CA LEU B 372 -19.51 -25.40 12.84
C LEU B 372 -19.43 -26.93 12.90
N ARG B 373 -18.36 -27.50 13.45
CA ARG B 373 -18.36 -28.94 13.69
C ARG B 373 -19.49 -29.35 14.63
N ALA B 374 -19.79 -28.52 15.64
CA ALA B 374 -20.90 -28.82 16.52
C ALA B 374 -22.23 -28.55 15.82
N ARG B 375 -22.34 -27.43 15.10
CA ARG B 375 -23.60 -27.10 14.47
C ARG B 375 -23.96 -28.13 13.41
N LEU B 376 -22.96 -28.52 12.60
CA LEU B 376 -23.17 -29.39 11.47
C LEU B 376 -22.95 -30.82 11.94
N GLY B 377 -24.00 -31.64 11.89
CA GLY B 377 -23.88 -33.04 12.23
C GLY B 377 -23.11 -33.81 11.19
N PRO B 378 -23.58 -35.03 10.90
CA PRO B 378 -22.93 -35.88 9.91
C PRO B 378 -23.17 -35.43 8.48
N HIS B 379 -23.99 -34.39 8.31
CA HIS B 379 -24.24 -33.80 7.00
C HIS B 379 -23.00 -33.14 6.41
N ALA B 380 -22.07 -32.67 7.24
CA ALA B 380 -20.79 -32.23 6.69
C ALA B 380 -19.86 -33.44 6.67
N LYS B 381 -19.23 -33.68 5.52
CA LYS B 381 -18.23 -34.74 5.42
C LYS B 381 -16.98 -34.40 6.21
N HIS B 382 -16.44 -33.20 6.01
CA HIS B 382 -15.35 -32.69 6.83
C HIS B 382 -15.51 -31.19 6.97
N VAL B 383 -15.02 -30.66 8.09
CA VAL B 383 -14.91 -29.23 8.33
C VAL B 383 -13.48 -28.93 8.72
N VAL B 384 -12.87 -27.96 8.05
CA VAL B 384 -11.46 -27.65 8.28
C VAL B 384 -11.30 -26.15 8.49
N GLY B 385 -10.24 -25.79 9.20
CA GLY B 385 -9.84 -24.41 9.34
C GLY B 385 -8.35 -24.30 9.13
N TYR B 386 -7.95 -23.29 8.37
CA TYR B 386 -6.55 -23.01 8.11
C TYR B 386 -6.43 -21.60 7.56
N GLY B 387 -5.20 -21.19 7.29
CA GLY B 387 -4.94 -19.98 6.54
C GLY B 387 -3.86 -19.15 7.18
N HIS B 388 -3.88 -17.86 6.85
CA HIS B 388 -2.80 -16.94 7.22
C HIS B 388 -3.11 -16.39 8.61
N LEU B 389 -2.67 -17.12 9.63
CA LEU B 389 -2.91 -16.71 11.01
C LEU B 389 -2.17 -15.43 11.36
N GLY B 390 -0.96 -15.27 10.82
CA GLY B 390 -0.19 -14.06 11.05
C GLY B 390 -0.89 -12.79 10.58
N ASP B 391 -1.77 -12.92 9.59
CA ASP B 391 -2.54 -11.80 9.08
C ASP B 391 -4.00 -11.84 9.51
N GLY B 392 -4.34 -12.70 10.47
CA GLY B 392 -5.71 -12.84 10.90
C GLY B 392 -6.63 -13.49 9.89
N ASN B 393 -6.09 -14.20 8.91
CA ASN B 393 -6.86 -14.78 7.82
C ASN B 393 -7.18 -16.23 8.15
N LEU B 394 -8.47 -16.54 8.22
CA LEU B 394 -8.96 -17.92 8.26
C LEU B 394 -9.57 -18.33 6.93
N HIS B 395 -9.19 -19.50 6.45
CA HIS B 395 -9.87 -20.16 5.33
C HIS B 395 -10.77 -21.23 5.93
N LEU B 396 -12.06 -20.96 5.99
CA LEU B 396 -13.05 -21.87 6.53
C LEU B 396 -13.66 -22.66 5.38
N ASN B 397 -13.59 -24.00 5.48
CA ASN B 397 -14.12 -24.86 4.44
C ASN B 397 -14.93 -26.01 5.03
N VAL B 398 -16.07 -26.27 4.42
CA VAL B 398 -16.93 -27.40 4.76
C VAL B 398 -17.08 -28.26 3.50
N THR B 399 -16.78 -29.55 3.63
CA THR B 399 -16.95 -30.48 2.53
C THR B 399 -18.13 -31.41 2.78
N ALA B 400 -18.86 -31.75 1.71
CA ALA B 400 -19.96 -32.69 1.78
C ALA B 400 -19.97 -33.56 0.53
N GLU B 401 -20.71 -34.67 0.60
CA GLU B 401 -20.84 -35.58 -0.54
C GLU B 401 -21.42 -34.85 -1.76
N ALA B 402 -22.39 -33.97 -1.53
CA ALA B 402 -22.93 -33.12 -2.57
C ALA B 402 -23.48 -31.86 -1.92
N PHE B 403 -23.80 -30.86 -2.74
CA PHE B 403 -24.44 -29.65 -2.24
C PHE B 403 -25.79 -29.97 -1.63
N SER B 404 -26.10 -29.29 -0.52
CA SER B 404 -27.36 -29.44 0.16
C SER B 404 -27.87 -28.05 0.51
N PRO B 405 -29.11 -27.72 0.15
CA PRO B 405 -29.70 -26.45 0.64
C PRO B 405 -29.85 -26.41 2.15
N SER B 406 -30.10 -27.55 2.78
CA SER B 406 -30.19 -27.60 4.23
C SER B 406 -28.87 -27.22 4.89
N LEU B 407 -27.76 -27.77 4.40
CA LEU B 407 -26.47 -27.43 4.97
C LEU B 407 -26.07 -25.98 4.67
N LEU B 408 -26.44 -25.47 3.49
CA LEU B 408 -26.19 -24.07 3.18
C LEU B 408 -26.95 -23.16 4.14
N ALA B 409 -28.20 -23.50 4.44
CA ALA B 409 -28.99 -22.71 5.38
C ALA B 409 -28.41 -22.73 6.79
N ALA B 410 -27.74 -23.82 7.18
CA ALA B 410 -27.06 -23.85 8.46
C ALA B 410 -25.81 -22.99 8.47
N LEU B 411 -25.10 -22.91 7.34
CA LEU B 411 -23.87 -22.12 7.27
C LEU B 411 -24.15 -20.63 7.10
N GLU B 412 -25.20 -20.28 6.36
CA GLU B 412 -25.49 -18.89 6.03
C GLU B 412 -26.92 -18.54 6.44
N PRO B 413 -27.13 -17.33 7.00
CA PRO B 413 -26.13 -16.30 7.25
C PRO B 413 -25.31 -16.45 8.54
N HIS B 414 -25.42 -17.59 9.21
CA HIS B 414 -24.76 -17.78 10.50
C HIS B 414 -23.28 -17.40 10.50
N VAL B 415 -22.52 -17.92 9.54
CA VAL B 415 -21.08 -17.63 9.48
C VAL B 415 -20.85 -16.13 9.25
N TYR B 416 -21.67 -15.51 8.40
CA TYR B 416 -21.49 -14.08 8.14
C TYR B 416 -21.90 -13.23 9.34
N GLU B 417 -22.94 -13.64 10.07
CA GLU B 417 -23.32 -12.91 11.27
C GLU B 417 -22.30 -13.08 12.38
N TRP B 418 -21.77 -14.29 12.53
CA TRP B 418 -20.66 -14.53 13.46
C TRP B 418 -19.50 -13.59 13.19
N THR B 419 -19.05 -13.55 11.92
CA THR B 419 -17.93 -12.71 11.50
C THR B 419 -18.20 -11.23 11.79
N ALA B 420 -19.41 -10.77 11.45
CA ALA B 420 -19.79 -9.38 11.71
C ALA B 420 -19.78 -9.09 13.20
N GLY B 421 -20.17 -10.07 14.01
CA GLY B 421 -20.06 -9.95 15.46
C GLY B 421 -18.63 -9.76 15.93
N GLN B 422 -17.65 -10.19 15.14
CA GLN B 422 -16.24 -9.94 15.46
C GLN B 422 -15.68 -8.74 14.73
N GLN B 423 -16.54 -7.96 14.05
CA GLN B 423 -16.11 -6.85 13.21
C GLN B 423 -15.08 -7.30 12.17
N GLY B 424 -15.29 -8.50 11.61
CA GLY B 424 -14.36 -9.09 10.68
C GLY B 424 -14.76 -8.89 9.23
N SER B 425 -13.89 -9.38 8.34
CA SER B 425 -14.11 -9.33 6.91
C SER B 425 -14.65 -10.66 6.41
N VAL B 426 -15.77 -10.61 5.68
CA VAL B 426 -16.31 -11.80 5.03
C VAL B 426 -15.55 -12.20 3.78
N SER B 427 -14.64 -11.37 3.28
CA SER B 427 -13.75 -11.77 2.19
C SER B 427 -12.39 -11.10 2.41
N ALA B 428 -11.51 -11.76 3.18
CA ALA B 428 -10.25 -11.13 3.54
C ALA B 428 -9.37 -10.91 2.32
N GLU B 429 -9.40 -11.82 1.35
CA GLU B 429 -8.35 -11.89 0.34
C GLU B 429 -8.95 -12.16 -1.05
N HIS B 430 -9.78 -13.22 -1.16
CA HIS B 430 -10.27 -13.67 -2.45
C HIS B 430 -11.20 -12.68 -3.12
N GLY B 431 -11.78 -11.74 -2.38
CA GLY B 431 -12.63 -10.74 -3.00
C GLY B 431 -14.09 -11.10 -2.97
N VAL B 432 -14.86 -10.31 -3.73
CA VAL B 432 -16.32 -10.36 -3.68
C VAL B 432 -16.87 -11.21 -4.82
N GLY B 433 -16.60 -10.79 -6.05
CA GLY B 433 -17.06 -11.47 -7.25
C GLY B 433 -18.57 -11.64 -7.29
N PHE B 434 -18.99 -12.79 -7.83
CA PHE B 434 -20.41 -13.13 -7.93
C PHE B 434 -20.97 -13.67 -6.62
N ARG B 435 -20.17 -14.48 -5.90
CA ARG B 435 -20.64 -15.21 -4.73
C ARG B 435 -20.98 -14.31 -3.56
N LYS B 436 -20.16 -13.29 -3.31
CA LYS B 436 -20.25 -12.47 -2.10
C LYS B 436 -20.77 -11.07 -2.37
N ARG B 437 -21.36 -10.85 -3.55
CA ARG B 437 -21.84 -9.52 -3.90
C ARG B 437 -22.90 -9.00 -2.94
N ASP B 438 -23.77 -9.87 -2.43
CA ASP B 438 -24.85 -9.48 -1.54
C ASP B 438 -24.57 -9.69 -0.06
N VAL B 439 -23.32 -9.91 0.34
CA VAL B 439 -22.99 -10.04 1.76
C VAL B 439 -21.98 -9.00 2.22
N LEU B 440 -21.78 -7.92 1.45
CA LEU B 440 -20.82 -6.89 1.84
C LEU B 440 -21.29 -6.04 3.02
N GLY B 441 -22.60 -5.95 3.25
CA GLY B 441 -23.11 -5.25 4.43
C GLY B 441 -22.58 -5.77 5.75
N TYR B 442 -22.19 -7.04 5.81
CA TYR B 442 -21.57 -7.57 7.02
C TYR B 442 -20.23 -6.93 7.33
N SER B 443 -19.51 -6.45 6.32
CA SER B 443 -18.18 -5.87 6.53
C SER B 443 -18.06 -4.40 6.12
N LYS B 444 -19.00 -3.86 5.34
CA LYS B 444 -18.91 -2.49 4.89
C LYS B 444 -20.21 -1.75 5.17
N PRO B 445 -20.13 -0.50 5.62
CA PRO B 445 -21.33 0.28 5.87
C PRO B 445 -21.96 0.76 4.57
N PRO B 446 -23.26 1.10 4.60
CA PRO B 446 -23.94 1.51 3.34
C PRO B 446 -23.29 2.72 2.67
N GLY B 447 -22.87 3.71 3.46
CA GLY B 447 -22.26 4.89 2.89
C GLY B 447 -21.00 4.59 2.08
N ALA B 448 -20.21 3.63 2.56
CA ALA B 448 -19.05 3.18 1.78
C ALA B 448 -19.50 2.47 0.50
N LEU B 449 -20.50 1.60 0.59
CA LEU B 449 -20.98 0.89 -0.59
C LEU B 449 -21.52 1.85 -1.65
N GLN B 450 -22.22 2.90 -1.24
CA GLN B 450 -22.70 3.90 -2.21
C GLN B 450 -21.55 4.55 -2.97
N LEU B 451 -20.48 4.94 -2.27
CA LEU B 451 -19.34 5.55 -2.95
C LEU B 451 -18.72 4.62 -3.97
N MET B 452 -18.69 3.32 -3.68
CA MET B 452 -18.21 2.36 -4.68
C MET B 452 -19.10 2.37 -5.91
N GLN B 453 -20.42 2.51 -5.73
CA GLN B 453 -21.34 2.55 -6.86
C GLN B 453 -21.17 3.82 -7.68
N GLN B 454 -20.96 4.96 -7.01
CA GLN B 454 -20.72 6.21 -7.73
C GLN B 454 -19.42 6.17 -8.51
N LEU B 455 -18.40 5.52 -7.95
CA LEU B 455 -17.14 5.31 -8.65
C LEU B 455 -17.35 4.43 -9.88
N LYS B 456 -18.14 3.36 -9.74
CA LYS B 456 -18.45 2.49 -10.87
C LYS B 456 -19.16 3.25 -11.98
N ALA B 457 -20.15 4.07 -11.64
CA ALA B 457 -20.87 4.86 -12.64
C ALA B 457 -19.95 5.86 -13.34
N LEU B 458 -18.98 6.43 -12.64
CA LEU B 458 -18.04 7.35 -13.28
C LEU B 458 -17.15 6.64 -14.30
N LEU B 459 -16.55 5.52 -13.91
CA LEU B 459 -15.58 4.85 -14.78
C LEU B 459 -16.24 3.93 -15.80
N ASP B 460 -17.36 3.30 -15.47
CA ASP B 460 -18.06 2.39 -16.38
C ASP B 460 -19.55 2.67 -16.32
N PRO B 461 -20.00 3.80 -16.89
CA PRO B 461 -21.42 4.15 -16.84
C PRO B 461 -22.34 3.16 -17.53
N LYS B 462 -21.91 2.58 -18.65
CA LYS B 462 -22.71 1.55 -19.29
C LYS B 462 -22.66 0.22 -18.55
N GLY B 463 -21.68 0.01 -17.68
CA GLY B 463 -21.62 -1.21 -16.89
C GLY B 463 -21.27 -2.45 -17.66
N ILE B 464 -20.50 -2.31 -18.74
CA ILE B 464 -20.12 -3.46 -19.56
C ILE B 464 -19.01 -4.31 -18.95
N LEU B 465 -18.23 -3.76 -18.02
CA LEU B 465 -17.12 -4.48 -17.40
C LEU B 465 -17.62 -5.28 -16.19
N ASN B 466 -17.59 -6.61 -16.31
CA ASN B 466 -17.94 -7.54 -15.24
C ASN B 466 -19.27 -7.18 -14.58
N PRO B 467 -20.38 -7.27 -15.30
CA PRO B 467 -21.68 -7.04 -14.67
C PRO B 467 -21.99 -8.11 -13.64
N TYR B 468 -22.97 -7.80 -12.81
CA TYR B 468 -23.47 -8.65 -11.72
C TYR B 468 -22.40 -8.83 -10.65
N LYS B 469 -21.37 -7.97 -10.72
CA LYS B 469 -20.13 -8.00 -9.96
C LYS B 469 -19.84 -6.55 -9.57
N THR B 470 -19.11 -6.29 -8.49
CA THR B 470 -18.90 -7.14 -7.35
C THR B 470 -19.40 -6.28 -6.22
N LEU B 471 -20.27 -5.34 -6.57
CA LEU B 471 -20.98 -4.42 -5.70
C LEU B 471 -22.43 -4.86 -5.57
N PRO B 472 -23.10 -4.55 -4.45
CA PRO B 472 -24.49 -4.97 -4.29
C PRO B 472 -25.40 -4.50 -5.42
N SER B 473 -26.49 -5.24 -5.59
CA SER B 473 -27.46 -4.98 -6.65
C SER B 473 -28.19 -3.66 -6.45
PA FAD C . -0.40 20.27 6.94
O1A FAD C . -1.22 20.98 7.96
O2A FAD C . 0.93 20.94 6.57
O5B FAD C . -1.22 20.01 5.63
C5B FAD C . -0.66 19.27 4.53
C4B FAD C . -1.67 19.13 3.40
O4B FAD C . -2.61 18.08 3.70
C3B FAD C . -2.52 20.37 3.11
O3B FAD C . -2.85 20.42 1.72
C2B FAD C . -3.76 20.14 3.99
O2B FAD C . -4.91 20.76 3.44
C1B FAD C . -3.89 18.62 3.97
N9A FAD C . -4.35 18.05 5.24
C8A FAD C . -3.78 18.20 6.48
N7A FAD C . -4.40 17.57 7.44
C5A FAD C . -5.47 16.96 6.80
C6A FAD C . -6.52 16.14 7.27
N6A FAD C . -6.66 15.78 8.54
N1A FAD C . -7.42 15.71 6.36
C2A FAD C . -7.28 16.06 5.08
N3A FAD C . -6.33 16.82 4.52
C4A FAD C . -5.45 17.25 5.44
N1 FAD C . 7.32 15.01 4.13
C2 FAD C . 7.65 13.76 3.71
O2 FAD C . 6.92 13.11 2.94
N3 FAD C . 8.83 13.17 4.16
C4 FAD C . 9.74 13.76 5.01
O4 FAD C . 10.76 13.14 5.34
C4X FAD C . 9.36 15.08 5.46
N5 FAD C . 10.17 15.70 6.28
C5X FAD C . 9.82 16.97 6.70
C6 FAD C . 10.67 17.64 7.58
C7 FAD C . 10.37 18.92 8.03
C7M FAD C . 11.32 19.61 8.98
C8 FAD C . 9.19 19.54 7.61
C8M FAD C . 8.83 20.92 8.09
C9 FAD C . 8.33 18.87 6.74
C9A FAD C . 8.64 17.60 6.28
N10 FAD C . 7.79 16.90 5.41
C10 FAD C . 8.12 15.63 4.96
C1' FAD C . 6.53 17.52 4.92
C2' FAD C . 5.28 16.70 5.22
O2' FAD C . 4.43 16.64 4.07
C3' FAD C . 4.51 17.32 6.39
O3' FAD C . 5.44 17.68 7.41
C4' FAD C . 3.46 16.38 6.97
O4' FAD C . 3.57 15.11 6.32
C5' FAD C . 2.06 16.91 6.84
O5' FAD C . 1.49 17.06 8.15
P FAD C . 0.90 18.44 8.63
O1P FAD C . 0.06 18.22 9.88
O2P FAD C . 1.98 19.46 8.72
O3P FAD C . -0.08 18.80 7.44
ZN ZN D . 12.11 13.64 2.77
C1 S2G E . 13.31 15.81 4.46
C3 S2G E . 11.90 17.97 4.01
C4 S2G E . 11.88 19.12 3.02
C5 S2G E . 13.21 19.37 2.33
O2 S2G E . 13.42 14.54 4.11
O1 S2G E . 13.89 16.29 5.42
O3 S2G E . 11.23 15.77 3.32
O5 S2G E . 14.23 18.72 2.49
C2 S2G E . 12.39 16.61 3.56
O4 S2G E . 13.14 20.38 1.53
PA FAD F . -9.01 -14.66 -12.56
O1A FAD F . -8.93 -14.99 -14.00
O2A FAD F . -9.45 -15.80 -11.65
O5B FAD F . -9.95 -13.42 -12.35
C5B FAD F . -10.38 -13.02 -11.03
C4B FAD F . -11.06 -11.66 -11.10
O4B FAD F . -10.13 -10.66 -11.56
C3B FAD F . -12.27 -11.59 -12.03
O3B FAD F . -13.26 -10.71 -11.51
C2B FAD F . -11.65 -11.04 -13.32
O2B FAD F . -12.59 -10.35 -14.12
C1B FAD F . -10.58 -10.09 -12.77
N9A FAD F . -9.43 -9.91 -13.66
C8A FAD F . -8.58 -10.87 -14.12
N7A FAD F . -7.63 -10.41 -14.90
C5A FAD F . -7.87 -9.05 -14.95
C6A FAD F . -7.22 -7.98 -15.60
N6A FAD F . -6.14 -8.14 -16.38
N1A FAD F . -7.72 -6.74 -15.43
C2A FAD F . -8.81 -6.57 -14.67
N3A FAD F . -9.51 -7.50 -14.01
C4A FAD F . -8.99 -8.72 -14.18
N1 FAD F . -5.99 -15.75 -3.32
C2 FAD F . -5.30 -15.08 -2.35
O2 FAD F . -5.56 -13.90 -2.09
N3 FAD F . -4.32 -15.73 -1.62
C4 FAD F . -3.93 -17.03 -1.78
O4 FAD F . -3.04 -17.50 -1.09
C4X FAD F . -4.65 -17.74 -2.83
N5 FAD F . -4.33 -18.98 -3.05
C5X FAD F . -5.01 -19.67 -4.04
C6 FAD F . -4.68 -21.00 -4.29
C7 FAD F . -5.33 -21.73 -5.27
C7M FAD F . -4.95 -23.16 -5.51
C8 FAD F . -6.34 -21.12 -6.03
C8M FAD F . -7.06 -21.88 -7.11
C9 FAD F . -6.68 -19.79 -5.79
C9A FAD F . -6.02 -19.06 -4.81
N10 FAD F . -6.33 -17.71 -4.56
C10 FAD F . -5.66 -17.01 -3.55
C1' FAD F . -7.40 -17.02 -5.31
C2' FAD F . -6.92 -15.78 -6.07
O2' FAD F . -8.00 -14.85 -6.20
C3' FAD F . -6.43 -16.18 -7.46
O3' FAD F . -5.56 -17.30 -7.35
C4' FAD F . -5.70 -15.04 -8.17
O4' FAD F . -5.37 -14.03 -7.22
C5' FAD F . -6.51 -14.45 -9.30
O5' FAD F . -5.72 -14.47 -10.51
P FAD F . -6.32 -15.02 -11.86
O1P FAD F . -5.37 -14.71 -13.01
O2P FAD F . -6.71 -16.45 -11.71
O3P FAD F . -7.62 -14.13 -12.04
ZN ZN G . -5.04 -17.80 1.41
C1 S2G H . -5.20 -20.51 0.19
C3 S2G H . -7.37 -20.63 -1.29
C4 S2G H . -8.84 -20.98 -1.10
C5 S2G H . -9.06 -22.04 -0.05
O2 S2G H . -4.77 -21.56 -0.23
O1 S2G H . -4.53 -19.73 1.01
O3 S2G H . -6.39 -18.58 -0.49
O5 S2G H . -8.53 -22.05 1.04
C2 S2G H . -6.59 -19.99 -0.15
O4 S2G H . -9.87 -22.96 -0.44
#